data_9EF6
#
_entry.id   9EF6
#
_cell.length_a   54.455
_cell.length_b   88.259
_cell.length_c   98.238
_cell.angle_alpha   90.000
_cell.angle_beta   97.620
_cell.angle_gamma   90.000
#
_symmetry.space_group_name_H-M   'P 1 21 1'
#
loop_
_entity.id
_entity.type
_entity.pdbx_description
1 polymer 'Glycylpeptide N-tetradecanoyltransferase'
2 non-polymer TETRADECANOYL-COA
3 non-polymer (2M)-N-(4-methyl-1,3-thiazol-2-yl)-2-[2-(piperazin-1-yl)phenyl]-1H-1,3-benzimidazole-4-carboxamide
4 non-polymer 'CHLORIDE ION'
5 non-polymer 'TETRAETHYLENE GLYCOL'
6 non-polymer 'PENTAETHYLENE GLYCOL'
7 non-polymer 'TRIETHYLENE GLYCOL'
8 water water
#
_entity_poly.entity_id   1
_entity_poly.type   'polypeptide(L)'
_entity_poly.pdbx_seq_one_letter_code
;GPGSKPHKFWNTQPVVQNDDSSSEYSFGPIEIEPDSFRKEIYKLPDGFSWFDCNLWDIESQDFEDTYQLLKDHYVEDDDS
QFRFNYSKEFLRWALCVPGQKKNWLVGVRVNETKKMVGFISAIPIKVRIHNCIMNTSVVNFLCVHKKLRSKRLAPVLIKE
ITRRIRCEKIFQSIYTCGKNITKPFTIGTYWHRIINVKKLLEAGFIGIPRNMTMSSLIKYHRIPADKRIEGFRPSVDSDA
EQICKLFENYFMKYKDVSNETMNNLINYDEINHSKELGKQAYMKLDKIEDLQDKITIHQCFNVEDVKHYFTNIDKVIVTY
VRENKNKEITDLFSFFIIESTVINNERFPTINIAYSYFNIANTCSLKELFNEMLITAKNNNCDAFNTLDLMQNLQVIQDS
KFIIGTGRLRYYVFNWKIPQISPSNVGIILF
;
_entity_poly.pdbx_strand_id   A,B
#
# COMPACT_ATOMS: atom_id res chain seq x y z
N PRO A 6 -12.98 21.80 -26.05
CA PRO A 6 -11.80 21.02 -26.44
C PRO A 6 -10.81 20.82 -25.29
N HIS A 7 -10.70 19.61 -24.78
CA HIS A 7 -9.71 19.29 -23.78
C HIS A 7 -8.32 19.18 -24.41
N LYS A 8 -7.30 19.49 -23.62
CA LYS A 8 -5.92 19.23 -23.98
C LYS A 8 -5.28 18.22 -23.04
N PHE A 9 -5.79 18.04 -21.83
CA PHE A 9 -5.32 17.05 -20.88
C PHE A 9 -6.26 15.85 -20.78
N TRP A 10 -7.54 16.10 -20.52
CA TRP A 10 -8.44 14.99 -20.24
C TRP A 10 -8.65 14.09 -21.44
N ASN A 11 -8.52 14.62 -22.65
CA ASN A 11 -8.67 13.79 -23.86
C ASN A 11 -7.56 12.76 -24.00
N THR A 12 -6.50 12.84 -23.24
CA THR A 12 -5.41 11.87 -23.29
C THR A 12 -5.51 10.81 -22.18
N GLN A 13 -6.53 10.90 -21.31
CA GLN A 13 -6.54 10.09 -20.09
C GLN A 13 -7.48 8.91 -20.25
N PRO A 14 -7.23 7.82 -19.50
CA PRO A 14 -8.12 6.63 -19.57
C PRO A 14 -9.42 6.85 -18.79
N VAL A 15 -10.27 7.71 -19.35
CA VAL A 15 -11.61 7.93 -18.84
C VAL A 15 -12.57 7.97 -20.01
N VAL A 16 -13.83 7.66 -19.74
CA VAL A 16 -14.84 7.73 -20.80
C VAL A 16 -15.02 9.19 -21.19
N GLN A 17 -14.90 9.47 -22.49
CA GLN A 17 -15.03 10.83 -23.01
C GLN A 17 -16.50 11.15 -23.27
N ASN A 18 -16.81 12.46 -23.22
CA ASN A 18 -18.19 12.88 -23.48
C ASN A 18 -18.68 12.41 -24.85
N ASP A 19 -17.79 12.32 -25.83
CA ASP A 19 -18.17 11.90 -27.18
C ASP A 19 -18.23 10.39 -27.35
N ASP A 20 -18.10 9.63 -26.27
CA ASP A 20 -18.02 8.17 -26.40
C ASP A 20 -19.30 7.63 -27.02
N SER A 21 -19.14 6.73 -27.97
CA SER A 21 -20.23 6.21 -28.79
C SER A 21 -20.38 4.70 -28.62
N SER A 22 -20.16 4.21 -27.40
CA SER A 22 -20.32 2.79 -27.11
C SER A 22 -21.80 2.45 -26.99
N SER A 23 -22.24 1.46 -27.75
CA SER A 23 -23.64 1.05 -27.77
C SER A 23 -23.91 -0.16 -26.89
N GLU A 24 -23.00 -0.46 -25.94
CA GLU A 24 -23.16 -1.57 -25.02
C GLU A 24 -22.88 -1.08 -23.60
N TYR A 25 -23.61 -1.63 -22.63
CA TYR A 25 -23.36 -1.36 -21.22
C TYR A 25 -22.33 -2.39 -20.71
N SER A 26 -21.21 -1.91 -20.20
CA SER A 26 -20.20 -2.82 -19.72
C SER A 26 -19.44 -2.21 -18.54
N PHE A 27 -18.71 -3.07 -17.86
CA PHE A 27 -17.87 -2.72 -16.74
C PHE A 27 -16.47 -3.25 -16.99
N GLY A 28 -15.48 -2.60 -16.39
CA GLY A 28 -14.13 -3.10 -16.44
C GLY A 28 -13.12 -1.99 -16.60
N PRO A 29 -11.84 -2.35 -16.55
CA PRO A 29 -10.79 -1.34 -16.70
C PRO A 29 -10.73 -0.81 -18.13
N ILE A 30 -10.44 0.48 -18.27
CA ILE A 30 -10.28 1.03 -19.60
C ILE A 30 -8.94 0.60 -20.20
N GLU A 31 -7.91 0.54 -19.39
CA GLU A 31 -6.60 0.07 -19.84
C GLU A 31 -5.94 -0.73 -18.73
N ILE A 32 -5.14 -1.70 -19.13
CA ILE A 32 -4.32 -2.46 -18.19
C ILE A 32 -2.87 -2.20 -18.57
N GLU A 33 -2.22 -1.29 -17.85
CA GLU A 33 -0.87 -0.84 -18.18
C GLU A 33 -0.06 -0.80 -16.89
N PRO A 34 0.30 -1.98 -16.36
CA PRO A 34 0.89 -2.03 -15.01
C PRO A 34 2.33 -1.51 -14.90
N ASP A 35 3.04 -1.33 -16.01
N ASP A 35 3.04 -1.32 -16.00
CA ASP A 35 4.42 -0.85 -15.89
CA ASP A 35 4.42 -0.85 -15.90
C ASP A 35 4.82 0.13 -16.99
C ASP A 35 4.82 0.12 -17.00
N SER A 36 3.88 0.67 -17.76
CA SER A 36 4.21 1.62 -18.82
C SER A 36 3.96 3.07 -18.42
N PHE A 37 3.56 3.34 -17.18
CA PHE A 37 3.26 4.72 -16.80
C PHE A 37 4.56 5.49 -16.53
N ARG A 38 4.46 6.81 -16.56
CA ARG A 38 5.59 7.64 -16.24
C ARG A 38 5.93 7.50 -14.77
N LYS A 39 7.20 7.24 -14.48
CA LYS A 39 7.67 7.08 -13.12
C LYS A 39 8.46 8.27 -12.61
N GLU A 40 8.97 9.12 -13.50
CA GLU A 40 9.73 10.29 -13.11
C GLU A 40 8.84 11.40 -12.58
N ILE A 41 9.30 12.05 -11.52
CA ILE A 41 8.54 13.16 -10.93
C ILE A 41 8.27 14.23 -12.00
N TYR A 42 7.11 14.83 -11.95
CA TYR A 42 6.75 15.91 -12.88
C TYR A 42 7.40 17.23 -12.47
N LYS A 43 7.84 17.99 -13.46
N LYS A 43 7.84 17.99 -13.46
CA LYS A 43 8.48 19.27 -13.22
CA LYS A 43 8.49 19.27 -13.21
C LYS A 43 7.45 20.35 -12.88
C LYS A 43 7.47 20.35 -12.90
N LEU A 44 7.74 21.12 -11.87
CA LEU A 44 6.97 22.29 -11.52
C LEU A 44 7.65 23.51 -12.09
N PRO A 45 6.97 24.66 -12.18
CA PRO A 45 7.65 25.89 -12.57
C PRO A 45 8.85 26.16 -11.66
N ASP A 46 9.88 26.78 -12.22
CA ASP A 46 11.08 27.08 -11.45
C ASP A 46 10.72 27.92 -10.22
N GLY A 47 11.35 27.61 -9.09
CA GLY A 47 11.03 28.25 -7.83
C GLY A 47 9.97 27.55 -7.00
N PHE A 48 9.38 26.48 -7.50
CA PHE A 48 8.36 25.70 -6.79
C PHE A 48 8.87 24.28 -6.55
N SER A 49 8.44 23.67 -5.45
CA SER A 49 8.87 22.30 -5.16
C SER A 49 7.72 21.52 -4.54
N TRP A 50 7.71 20.22 -4.82
CA TRP A 50 6.80 19.29 -4.18
C TRP A 50 7.24 19.05 -2.73
N PHE A 51 6.27 18.72 -1.87
CA PHE A 51 6.60 18.21 -0.54
C PHE A 51 5.44 17.35 -0.06
N ASP A 52 5.76 16.32 0.72
CA ASP A 52 4.77 15.50 1.37
C ASP A 52 4.24 16.27 2.57
N CYS A 53 2.94 16.52 2.59
N CYS A 53 2.94 16.55 2.56
CA CYS A 53 2.36 17.42 3.59
CA CYS A 53 2.34 17.39 3.60
C CYS A 53 2.18 16.67 4.91
C CYS A 53 2.23 16.63 4.91
N ASN A 54 2.86 17.16 5.96
CA ASN A 54 2.82 16.54 7.28
C ASN A 54 1.51 16.89 7.99
N LEU A 55 0.46 16.15 7.64
CA LEU A 55 -0.81 16.23 8.35
C LEU A 55 -0.91 15.23 9.49
N TRP A 56 0.21 14.62 9.89
CA TRP A 56 0.24 13.60 10.93
C TRP A 56 0.40 14.19 12.31
N ASP A 57 0.56 15.50 12.39
CA ASP A 57 0.56 16.24 13.63
C ASP A 57 -0.26 17.50 13.38
N ILE A 58 -1.43 17.59 14.02
CA ILE A 58 -2.33 18.71 13.82
C ILE A 58 -1.70 20.05 14.17
N GLU A 59 -0.57 20.06 14.89
CA GLU A 59 0.11 21.28 15.25
C GLU A 59 1.25 21.63 14.31
N SER A 60 1.46 20.87 13.25
CA SER A 60 2.62 21.10 12.39
C SER A 60 2.40 22.36 11.54
N GLN A 61 3.51 22.89 11.05
CA GLN A 61 3.44 24.04 10.16
C GLN A 61 2.76 23.67 8.85
N ASP A 62 3.05 22.47 8.31
CA ASP A 62 2.39 22.04 7.08
C ASP A 62 0.87 22.07 7.23
N PHE A 63 0.37 21.63 8.38
CA PHE A 63 -1.08 21.58 8.59
C PHE A 63 -1.66 22.98 8.67
N GLU A 64 -0.96 23.92 9.33
CA GLU A 64 -1.39 25.32 9.30
C GLU A 64 -1.38 25.86 7.87
N ASP A 65 -0.32 25.57 7.10
CA ASP A 65 -0.25 26.06 5.72
C ASP A 65 -1.36 25.49 4.84
N THR A 66 -1.62 24.20 4.95
CA THR A 66 -2.70 23.58 4.20
C THR A 66 -4.06 24.16 4.60
N TYR A 67 -4.30 24.29 5.91
CA TYR A 67 -5.56 24.87 6.37
C TYR A 67 -5.76 26.27 5.81
N GLN A 68 -4.71 27.08 5.82
CA GLN A 68 -4.82 28.44 5.33
C GLN A 68 -5.01 28.49 3.80
N LEU A 69 -4.33 27.60 3.07
CA LEU A 69 -4.51 27.57 1.63
C LEU A 69 -5.95 27.24 1.27
N LEU A 70 -6.51 26.18 1.87
CA LEU A 70 -7.88 25.80 1.55
C LEU A 70 -8.87 26.85 2.03
N LYS A 71 -8.61 27.45 3.19
N LYS A 71 -8.59 27.45 3.19
CA LYS A 71 -9.53 28.43 3.72
CA LYS A 71 -9.51 28.44 3.74
C LYS A 71 -9.71 29.59 2.76
C LYS A 71 -9.69 29.61 2.79
N ASP A 72 -8.63 30.03 2.11
CA ASP A 72 -8.71 31.19 1.23
C ASP A 72 -8.86 30.85 -0.25
N HIS A 73 -8.66 29.59 -0.65
CA HIS A 73 -8.57 29.27 -2.06
C HIS A 73 -9.32 28.03 -2.50
N TYR A 74 -10.01 27.34 -1.62
CA TYR A 74 -10.68 26.11 -2.03
C TYR A 74 -12.08 26.43 -2.59
N VAL A 75 -12.98 25.46 -2.58
CA VAL A 75 -14.20 25.51 -3.39
C VAL A 75 -15.12 26.63 -2.94
N GLU A 76 -15.61 27.40 -3.90
CA GLU A 76 -16.56 28.48 -3.67
C GLU A 76 -17.84 28.15 -4.43
N ASP A 77 -18.94 28.77 -4.02
CA ASP A 77 -20.19 28.61 -4.75
C ASP A 77 -20.12 29.38 -6.07
N ASP A 78 -21.24 29.34 -6.82
CA ASP A 78 -21.31 29.99 -8.13
C ASP A 78 -20.92 31.47 -8.06
N ASP A 79 -21.58 32.22 -7.18
CA ASP A 79 -21.45 33.66 -7.15
C ASP A 79 -20.34 34.15 -6.24
N SER A 80 -19.46 33.27 -5.78
CA SER A 80 -18.39 33.64 -4.88
C SER A 80 -18.92 34.36 -3.64
N GLN A 81 -19.97 33.77 -3.05
CA GLN A 81 -20.49 34.24 -1.78
C GLN A 81 -20.15 33.33 -0.59
N PHE A 82 -19.87 32.06 -0.84
CA PHE A 82 -19.47 31.12 0.21
C PHE A 82 -18.24 30.35 -0.23
N ARG A 83 -17.36 30.09 0.73
CA ARG A 83 -16.18 29.27 0.50
C ARG A 83 -16.04 28.30 1.65
N PHE A 84 -15.73 27.04 1.33
CA PHE A 84 -15.56 26.04 2.37
C PHE A 84 -14.41 26.39 3.29
N ASN A 85 -14.58 26.10 4.58
CA ASN A 85 -13.58 26.39 5.59
C ASN A 85 -13.39 25.13 6.44
N TYR A 86 -12.82 24.10 5.81
CA TYR A 86 -12.56 22.83 6.49
C TYR A 86 -11.63 23.02 7.69
N SER A 87 -12.04 22.52 8.84
CA SER A 87 -11.22 22.64 10.05
C SER A 87 -10.05 21.65 10.00
N LYS A 88 -9.05 21.89 10.84
CA LYS A 88 -7.90 21.00 10.88
C LYS A 88 -8.30 19.62 11.39
N GLU A 89 -9.17 19.56 12.40
CA GLU A 89 -9.65 18.27 12.89
C GLU A 89 -10.44 17.54 11.81
N PHE A 90 -11.19 18.27 10.98
CA PHE A 90 -11.87 17.62 9.87
C PHE A 90 -10.86 17.04 8.89
N LEU A 91 -9.90 17.86 8.45
CA LEU A 91 -8.93 17.40 7.48
C LEU A 91 -8.18 16.17 7.98
N ARG A 92 -7.86 16.14 9.29
CA ARG A 92 -7.18 14.98 9.85
C ARG A 92 -8.07 13.74 9.74
N TRP A 93 -9.35 13.89 10.10
CA TRP A 93 -10.29 12.78 10.00
C TRP A 93 -10.47 12.35 8.56
N ALA A 94 -10.45 13.30 7.64
CA ALA A 94 -10.75 12.99 6.23
C ALA A 94 -9.56 12.45 5.48
N LEU A 95 -8.35 12.76 5.90
CA LEU A 95 -7.14 12.42 5.16
C LEU A 95 -6.23 11.44 5.86
N CYS A 96 -6.18 11.41 7.19
CA CYS A 96 -5.34 10.46 7.89
C CYS A 96 -6.19 9.22 8.22
N VAL A 97 -6.54 8.49 7.15
CA VAL A 97 -7.44 7.34 7.24
C VAL A 97 -6.63 6.06 7.34
N PRO A 98 -7.24 4.96 7.78
CA PRO A 98 -6.49 3.69 7.83
C PRO A 98 -5.92 3.32 6.48
N GLY A 99 -4.62 3.04 6.46
CA GLY A 99 -3.95 2.66 5.23
C GLY A 99 -3.35 3.80 4.47
N GLN A 100 -3.50 5.03 4.94
CA GLN A 100 -3.00 6.19 4.22
C GLN A 100 -1.47 6.16 4.14
N LYS A 101 -0.96 6.72 3.05
CA LYS A 101 0.46 6.81 2.74
C LYS A 101 0.91 8.26 2.88
N LYS A 102 2.10 8.45 3.45
CA LYS A 102 2.65 9.79 3.62
C LYS A 102 2.70 10.54 2.29
N ASN A 103 3.02 9.86 1.21
CA ASN A 103 3.24 10.59 -0.05
C ASN A 103 1.95 10.83 -0.84
N TRP A 104 0.78 10.46 -0.33
CA TRP A 104 -0.47 10.79 -1.01
C TRP A 104 -1.05 12.13 -0.55
N LEU A 105 -0.37 12.86 0.31
CA LEU A 105 -0.76 14.21 0.70
C LEU A 105 0.32 15.14 0.13
N VAL A 106 0.01 15.80 -0.98
CA VAL A 106 1.00 16.43 -1.84
C VAL A 106 0.81 17.95 -1.77
N GLY A 107 1.88 18.65 -1.43
CA GLY A 107 1.87 20.10 -1.46
C GLY A 107 2.78 20.68 -2.53
N VAL A 108 2.57 21.95 -2.86
CA VAL A 108 3.48 22.71 -3.68
C VAL A 108 3.83 23.96 -2.90
N ARG A 109 5.14 24.22 -2.78
N ARG A 109 5.12 24.21 -2.72
CA ARG A 109 5.69 25.30 -1.98
CA ARG A 109 5.56 25.39 -1.98
C ARG A 109 6.51 26.21 -2.87
C ARG A 109 6.52 26.21 -2.81
N VAL A 110 6.47 27.52 -2.59
CA VAL A 110 7.40 28.45 -3.21
C VAL A 110 8.69 28.40 -2.40
N ASN A 111 9.81 28.13 -3.06
CA ASN A 111 11.05 27.90 -2.32
C ASN A 111 11.51 29.16 -1.61
N GLU A 112 11.45 30.33 -2.26
CA GLU A 112 11.98 31.54 -1.67
C GLU A 112 11.20 31.95 -0.42
N THR A 113 9.87 31.87 -0.48
CA THR A 113 9.02 32.33 0.61
C THR A 113 8.50 31.20 1.50
N LYS A 114 8.66 29.94 1.09
CA LYS A 114 8.09 28.80 1.81
C LYS A 114 6.56 28.83 1.84
N LYS A 115 5.95 29.62 0.98
CA LYS A 115 4.50 29.73 0.91
C LYS A 115 3.92 28.53 0.18
N MET A 116 2.93 27.88 0.79
CA MET A 116 2.21 26.80 0.14
C MET A 116 1.22 27.37 -0.84
N VAL A 117 1.29 26.92 -2.10
CA VAL A 117 0.42 27.45 -3.15
C VAL A 117 -0.40 26.38 -3.86
N GLY A 118 -0.20 25.11 -3.56
CA GLY A 118 -0.95 24.04 -4.19
C GLY A 118 -1.09 22.87 -3.25
N PHE A 119 -2.17 22.12 -3.43
CA PHE A 119 -2.43 20.92 -2.65
C PHE A 119 -3.26 19.98 -3.51
N ILE A 120 -3.00 18.67 -3.33
CA ILE A 120 -3.89 17.63 -3.85
C ILE A 120 -3.66 16.41 -2.98
N SER A 121 -4.73 15.63 -2.75
CA SER A 121 -4.67 14.49 -1.86
C SER A 121 -5.32 13.28 -2.49
N ALA A 122 -4.90 12.12 -2.03
CA ALA A 122 -5.56 10.86 -2.30
C ALA A 122 -5.73 10.11 -0.99
N ILE A 123 -6.87 9.45 -0.80
CA ILE A 123 -7.02 8.53 0.30
C ILE A 123 -7.31 7.14 -0.26
N PRO A 124 -6.80 6.09 0.38
CA PRO A 124 -7.12 4.73 -0.06
C PRO A 124 -8.51 4.35 0.41
N ILE A 125 -9.27 3.68 -0.46
CA ILE A 125 -10.54 3.10 -0.04
C ILE A 125 -10.72 1.77 -0.75
N LYS A 126 -11.56 0.92 -0.17
N LYS A 126 -11.55 0.90 -0.16
CA LYS A 126 -12.01 -0.31 -0.80
CA LYS A 126 -11.98 -0.33 -0.78
C LYS A 126 -13.39 -0.07 -1.40
C LYS A 126 -13.37 -0.10 -1.37
N VAL A 127 -13.57 -0.49 -2.65
N VAL A 127 -13.58 -0.60 -2.58
CA VAL A 127 -14.86 -0.32 -3.33
CA VAL A 127 -14.83 -0.34 -3.32
C VAL A 127 -15.26 -1.61 -4.03
C VAL A 127 -15.26 -1.61 -4.04
N ARG A 128 -16.57 -1.84 -4.09
CA ARG A 128 -17.16 -2.83 -4.97
C ARG A 128 -17.73 -2.07 -6.15
N ILE A 129 -17.43 -2.54 -7.35
CA ILE A 129 -18.03 -2.04 -8.59
C ILE A 129 -18.61 -3.27 -9.26
N HIS A 130 -19.93 -3.43 -9.16
CA HIS A 130 -20.64 -4.55 -9.76
C HIS A 130 -20.00 -5.83 -9.23
N ASN A 131 -19.44 -6.68 -10.10
CA ASN A 131 -18.91 -7.97 -9.70
C ASN A 131 -17.43 -7.92 -9.33
N CYS A 132 -16.85 -6.74 -9.22
CA CYS A 132 -15.45 -6.59 -8.87
C CYS A 132 -15.32 -5.86 -7.53
N ILE A 133 -14.24 -6.14 -6.85
CA ILE A 133 -13.84 -5.43 -5.64
C ILE A 133 -12.37 -5.05 -5.81
N MET A 134 -11.99 -3.93 -5.23
CA MET A 134 -10.64 -3.46 -5.43
C MET A 134 -10.25 -2.42 -4.40
N ASN A 135 -8.95 -2.36 -4.13
CA ASN A 135 -8.39 -1.22 -3.43
C ASN A 135 -8.21 -0.10 -4.44
N THR A 136 -8.71 1.10 -4.12
CA THR A 136 -8.64 2.20 -5.04
C THR A 136 -8.26 3.46 -4.27
N SER A 137 -8.38 4.59 -4.94
CA SER A 137 -8.08 5.89 -4.41
C SER A 137 -9.26 6.82 -4.61
N VAL A 138 -9.36 7.82 -3.76
CA VAL A 138 -10.26 8.96 -3.91
C VAL A 138 -9.39 10.21 -3.91
N VAL A 139 -9.44 10.97 -4.98
CA VAL A 139 -8.66 12.20 -5.09
C VAL A 139 -9.56 13.35 -4.67
N ASN A 140 -9.05 14.22 -3.81
CA ASN A 140 -9.85 15.30 -3.26
C ASN A 140 -8.93 16.44 -2.85
N PHE A 141 -9.52 17.60 -2.61
CA PHE A 141 -8.82 18.77 -2.09
C PHE A 141 -7.76 19.29 -3.05
N LEU A 142 -7.97 19.11 -4.35
CA LEU A 142 -7.16 19.79 -5.33
C LEU A 142 -7.38 21.29 -5.20
N CYS A 143 -6.28 22.01 -5.00
CA CYS A 143 -6.38 23.43 -4.74
C CYS A 143 -5.15 24.13 -5.27
N VAL A 144 -5.36 25.18 -6.05
CA VAL A 144 -4.27 26.04 -6.51
C VAL A 144 -4.56 27.46 -6.08
N HIS A 145 -3.51 28.13 -5.55
CA HIS A 145 -3.62 29.52 -5.14
C HIS A 145 -4.28 30.35 -6.24
N LYS A 146 -5.18 31.24 -5.83
CA LYS A 146 -5.93 32.06 -6.79
C LYS A 146 -5.02 32.84 -7.74
N LYS A 147 -3.88 33.30 -7.24
CA LYS A 147 -2.97 34.04 -8.11
C LYS A 147 -2.26 33.16 -9.14
N LEU A 148 -2.34 31.84 -9.01
CA LEU A 148 -1.68 30.93 -9.94
C LEU A 148 -2.65 30.20 -10.85
N ARG A 149 -3.91 30.61 -10.88
CA ARG A 149 -4.90 29.92 -11.68
C ARG A 149 -4.73 30.24 -13.17
N SER A 150 -5.29 29.37 -14.00
CA SER A 150 -5.26 29.49 -15.44
C SER A 150 -3.86 29.40 -16.03
N LYS A 151 -2.93 28.78 -15.32
CA LYS A 151 -1.58 28.57 -15.80
C LYS A 151 -1.28 27.08 -16.03
N ARG A 152 -2.31 26.25 -16.07
CA ARG A 152 -2.18 24.83 -16.38
C ARG A 152 -1.36 24.11 -15.32
N LEU A 153 -1.44 24.59 -14.08
CA LEU A 153 -0.83 23.85 -12.99
C LEU A 153 -1.65 22.63 -12.60
N ALA A 154 -2.98 22.72 -12.69
CA ALA A 154 -3.81 21.63 -12.20
C ALA A 154 -3.45 20.31 -12.85
N PRO A 155 -3.29 20.22 -14.18
CA PRO A 155 -2.87 18.93 -14.77
C PRO A 155 -1.55 18.45 -14.22
N VAL A 156 -0.68 19.35 -13.77
CA VAL A 156 0.58 18.88 -13.19
C VAL A 156 0.30 18.19 -11.87
N LEU A 157 -0.53 18.81 -11.02
CA LEU A 157 -0.88 18.19 -9.75
C LEU A 157 -1.64 16.87 -9.96
N ILE A 158 -2.49 16.81 -10.99
CA ILE A 158 -3.24 15.59 -11.25
C ILE A 158 -2.31 14.49 -11.70
N LYS A 159 -1.41 14.80 -12.64
CA LYS A 159 -0.45 13.79 -13.10
C LYS A 159 0.45 13.32 -11.98
N GLU A 160 0.84 14.22 -11.09
CA GLU A 160 1.75 13.85 -10.01
C GLU A 160 1.07 12.94 -9.00
N ILE A 161 -0.19 13.22 -8.65
CA ILE A 161 -0.87 12.33 -7.72
C ILE A 161 -1.18 11.01 -8.41
N THR A 162 -1.44 11.04 -9.72
CA THR A 162 -1.62 9.81 -10.47
C THR A 162 -0.39 8.94 -10.39
N ARG A 163 0.79 9.53 -10.60
CA ARG A 163 2.04 8.81 -10.49
C ARG A 163 2.22 8.19 -9.10
N ARG A 164 1.92 8.96 -8.05
CA ARG A 164 2.11 8.47 -6.69
C ARG A 164 1.12 7.36 -6.33
N ILE A 165 -0.10 7.39 -6.90
CA ILE A 165 -1.05 6.32 -6.69
C ILE A 165 -0.60 5.05 -7.42
N ARG A 166 -0.17 5.20 -8.68
CA ARG A 166 0.27 4.05 -9.46
C ARG A 166 1.49 3.40 -8.85
N CYS A 167 2.35 4.18 -8.21
CA CYS A 167 3.50 3.61 -7.51
C CYS A 167 3.06 2.67 -6.41
N GLU A 168 1.85 2.82 -5.92
CA GLU A 168 1.31 1.90 -4.92
C GLU A 168 0.55 0.75 -5.57
N LYS A 169 0.69 0.59 -6.88
CA LYS A 169 0.06 -0.51 -7.63
C LYS A 169 -1.45 -0.33 -7.72
N ILE A 170 -1.93 0.91 -7.64
CA ILE A 170 -3.35 1.25 -7.79
C ILE A 170 -3.51 2.04 -9.08
N PHE A 171 -4.46 1.63 -9.93
CA PHE A 171 -4.58 2.21 -11.26
C PHE A 171 -5.95 2.79 -11.55
N GLN A 172 -6.81 2.90 -10.54
CA GLN A 172 -8.12 3.49 -10.64
C GLN A 172 -8.28 4.54 -9.54
N SER A 173 -9.21 5.46 -9.76
CA SER A 173 -9.51 6.49 -8.79
C SER A 173 -10.96 6.91 -8.94
N ILE A 174 -11.53 7.40 -7.85
CA ILE A 174 -12.85 8.03 -7.86
C ILE A 174 -12.67 9.49 -7.50
N TYR A 175 -13.43 10.35 -8.15
CA TYR A 175 -13.35 11.78 -7.89
C TYR A 175 -14.64 12.40 -8.34
N THR A 176 -14.96 13.56 -7.75
CA THR A 176 -16.15 14.31 -8.11
C THR A 176 -15.76 15.71 -8.50
N CYS A 177 -16.63 16.36 -9.26
N CYS A 177 -16.64 16.37 -9.25
CA CYS A 177 -16.44 17.75 -9.67
CA CYS A 177 -16.44 17.75 -9.68
C CYS A 177 -17.79 18.41 -9.83
C CYS A 177 -17.79 18.42 -9.84
N GLY A 178 -17.86 19.70 -9.50
CA GLY A 178 -19.07 20.47 -9.66
C GLY A 178 -19.30 20.97 -11.06
N LYS A 179 -18.51 20.52 -12.03
CA LYS A 179 -18.74 20.85 -13.42
C LYS A 179 -18.46 19.62 -14.28
N ASN A 180 -19.00 19.63 -15.48
CA ASN A 180 -18.72 18.53 -16.40
C ASN A 180 -17.30 18.66 -16.96
N ILE A 181 -16.53 17.57 -16.89
CA ILE A 181 -15.19 17.50 -17.48
C ILE A 181 -15.25 16.50 -18.62
N THR A 182 -15.17 15.21 -18.30
CA THR A 182 -15.43 14.12 -19.23
C THR A 182 -16.84 13.56 -18.93
N LYS A 183 -17.10 12.31 -19.33
CA LYS A 183 -18.44 11.77 -19.14
C LYS A 183 -18.59 11.23 -17.72
N PRO A 184 -19.49 11.77 -16.89
CA PRO A 184 -19.65 11.25 -15.53
C PRO A 184 -20.51 10.01 -15.53
N PHE A 185 -20.25 9.10 -14.59
CA PHE A 185 -21.08 7.89 -14.50
C PHE A 185 -22.35 8.12 -13.69
N THR A 186 -22.39 9.14 -12.85
CA THR A 186 -23.65 9.61 -12.31
C THR A 186 -23.55 11.10 -12.02
N ILE A 187 -24.73 11.70 -11.87
CA ILE A 187 -24.84 13.12 -11.54
C ILE A 187 -25.68 13.23 -10.28
N GLY A 188 -25.12 13.85 -9.25
CA GLY A 188 -25.82 14.10 -8.01
C GLY A 188 -26.42 15.49 -7.95
N THR A 189 -27.57 15.59 -7.32
CA THR A 189 -28.25 16.87 -7.08
C THR A 189 -28.08 17.24 -5.61
N TYR A 190 -27.76 18.51 -5.37
CA TYR A 190 -27.63 19.05 -4.02
C TYR A 190 -29.00 19.43 -3.47
N TRP A 191 -29.22 19.13 -2.18
CA TRP A 191 -30.45 19.49 -1.50
C TRP A 191 -30.13 20.05 -0.13
N HIS A 192 -30.87 21.09 0.27
CA HIS A 192 -30.58 21.84 1.47
C HIS A 192 -31.81 21.82 2.39
N ARG A 193 -31.59 21.50 3.66
CA ARG A 193 -32.63 21.63 4.67
C ARG A 193 -32.26 22.79 5.59
N ILE A 194 -33.11 23.79 5.62
CA ILE A 194 -32.86 25.00 6.41
C ILE A 194 -33.13 24.67 7.87
N ILE A 195 -32.14 24.93 8.73
CA ILE A 195 -32.29 24.75 10.17
C ILE A 195 -32.37 26.09 10.88
N ASN A 196 -31.37 26.95 10.69
CA ASN A 196 -31.31 28.25 11.37
CA ASN A 196 -31.31 28.25 11.37
C ASN A 196 -31.61 29.32 10.32
N VAL A 197 -32.87 29.74 10.26
CA VAL A 197 -33.32 30.68 9.24
C VAL A 197 -32.61 32.01 9.36
N LYS A 198 -32.55 32.56 10.57
CA LYS A 198 -32.03 33.91 10.70
C LYS A 198 -30.55 33.98 10.29
N LYS A 199 -29.78 32.96 10.63
CA LYS A 199 -28.38 32.95 10.24
C LYS A 199 -28.21 32.84 8.73
N LEU A 200 -29.01 31.99 8.07
CA LEU A 200 -28.89 31.83 6.64
C LEU A 200 -29.40 33.06 5.89
N LEU A 201 -30.40 33.76 6.44
CA LEU A 201 -30.80 35.05 5.89
C LEU A 201 -29.67 36.08 6.01
N GLU A 202 -29.06 36.18 7.19
CA GLU A 202 -27.96 37.12 7.39
C GLU A 202 -26.78 36.78 6.49
N ALA A 203 -26.57 35.51 6.19
CA ALA A 203 -25.51 35.06 5.32
C ALA A 203 -25.83 35.24 3.84
N GLY A 204 -27.07 35.55 3.50
CA GLY A 204 -27.47 35.69 2.10
C GLY A 204 -27.69 34.40 1.34
N PHE A 205 -27.82 33.28 2.04
CA PHE A 205 -28.04 32.01 1.36
C PHE A 205 -29.46 31.90 0.84
N ILE A 206 -30.41 32.34 1.65
CA ILE A 206 -31.80 32.50 1.24
C ILE A 206 -32.18 33.95 1.47
N GLY A 207 -33.36 34.30 0.98
CA GLY A 207 -33.97 35.57 1.30
C GLY A 207 -35.39 35.37 1.79
N ILE A 208 -36.04 36.49 2.08
CA ILE A 208 -37.41 36.48 2.58
C ILE A 208 -38.34 36.65 1.40
N PRO A 209 -39.13 35.64 1.03
CA PRO A 209 -40.09 35.82 -0.08
C PRO A 209 -41.11 36.89 0.20
N ARG A 210 -41.67 37.43 -0.89
CA ARG A 210 -42.67 38.48 -0.75
C ARG A 210 -43.92 37.99 -0.03
N ASN A 211 -44.28 36.72 -0.22
CA ASN A 211 -45.48 36.15 0.40
C ASN A 211 -45.17 35.49 1.74
N MET A 212 -44.04 35.82 2.36
CA MET A 212 -43.63 35.25 3.64
C MET A 212 -43.12 36.37 4.54
N THR A 213 -42.82 36.00 5.78
CA THR A 213 -42.16 36.86 6.76
C THR A 213 -41.11 36.04 7.46
N MET A 214 -40.20 36.70 8.16
CA MET A 214 -39.21 35.95 8.93
C MET A 214 -39.90 34.96 9.87
N SER A 215 -41.02 35.35 10.48
CA SER A 215 -41.70 34.45 11.42
C SER A 215 -42.36 33.29 10.69
N SER A 216 -43.03 33.55 9.57
CA SER A 216 -43.63 32.45 8.83
C SER A 216 -42.56 31.55 8.22
N LEU A 217 -41.41 32.13 7.84
CA LEU A 217 -40.31 31.30 7.36
C LEU A 217 -39.79 30.39 8.46
N ILE A 218 -39.50 30.97 9.62
CA ILE A 218 -39.11 30.17 10.77
C ILE A 218 -40.11 29.04 10.98
N LYS A 219 -41.40 29.38 10.96
N LYS A 219 -41.40 29.38 10.99
CA LYS A 219 -42.42 28.36 11.19
CA LYS A 219 -42.44 28.38 11.18
C LYS A 219 -42.37 27.28 10.12
C LYS A 219 -42.33 27.29 10.12
N TYR A 220 -42.25 27.69 8.85
CA TYR A 220 -42.28 26.70 7.78
C TYR A 220 -41.09 25.75 7.85
N HIS A 221 -39.89 26.28 8.11
CA HIS A 221 -38.68 25.48 8.05
C HIS A 221 -38.34 24.76 9.35
N ARG A 222 -39.16 24.92 10.40
CA ARG A 222 -38.87 24.25 11.66
C ARG A 222 -38.75 22.74 11.45
N ILE A 223 -37.81 22.14 12.17
CA ILE A 223 -37.71 20.67 12.19
C ILE A 223 -38.85 20.12 13.03
N PRO A 224 -39.67 19.20 12.51
CA PRO A 224 -40.81 18.71 13.30
C PRO A 224 -40.33 18.13 14.62
N ALA A 225 -41.01 18.50 15.70
CA ALA A 225 -40.62 18.05 17.02
C ALA A 225 -41.33 16.78 17.46
N ASP A 226 -42.47 16.45 16.86
CA ASP A 226 -43.27 15.32 17.28
C ASP A 226 -42.72 14.03 16.66
N LYS A 227 -43.35 12.91 17.00
CA LYS A 227 -42.99 11.60 16.46
C LYS A 227 -41.49 11.34 16.63
N ARG A 228 -41.09 11.19 17.88
CA ARG A 228 -39.71 10.88 18.23
C ARG A 228 -39.60 9.38 18.52
N ILE A 229 -38.65 8.73 17.84
CA ILE A 229 -38.42 7.30 18.02
C ILE A 229 -37.22 7.11 18.94
N GLU A 230 -37.38 6.29 19.96
CA GLU A 230 -36.36 6.10 20.97
C GLU A 230 -35.35 5.05 20.52
N GLY A 231 -34.25 4.95 21.28
CA GLY A 231 -33.27 3.91 21.09
C GLY A 231 -31.98 4.39 20.50
N PHE A 232 -31.92 5.66 20.06
CA PHE A 232 -30.73 6.20 19.40
C PHE A 232 -29.73 6.73 20.42
N ARG A 233 -28.45 6.54 20.12
CA ARG A 233 -27.36 6.97 20.99
C ARG A 233 -26.13 7.14 20.12
N PRO A 234 -25.17 7.96 20.54
CA PRO A 234 -23.93 8.07 19.79
C PRO A 234 -23.24 6.71 19.74
N SER A 235 -22.59 6.42 18.63
CA SER A 235 -21.77 5.22 18.54
C SER A 235 -20.50 5.37 19.39
N VAL A 236 -19.93 4.23 19.75
CA VAL A 236 -18.67 4.15 20.48
C VAL A 236 -17.80 3.11 19.81
N ASP A 237 -16.53 3.09 20.21
CA ASP A 237 -15.56 2.22 19.53
C ASP A 237 -15.99 0.75 19.59
N SER A 238 -16.59 0.34 20.72
CA SER A 238 -16.98 -1.05 20.88
C SER A 238 -18.15 -1.45 19.98
N ASP A 239 -18.79 -0.50 19.30
CA ASP A 239 -19.84 -0.81 18.35
C ASP A 239 -19.30 -1.25 16.98
N ALA A 240 -17.99 -1.22 16.78
CA ALA A 240 -17.43 -1.30 15.44
C ALA A 240 -17.82 -2.60 14.75
N GLU A 241 -17.68 -3.73 15.44
CA GLU A 241 -18.03 -5.01 14.83
C GLU A 241 -19.50 -5.04 14.43
N GLN A 242 -20.39 -4.58 15.33
CA GLN A 242 -21.81 -4.53 15.00
C GLN A 242 -22.10 -3.61 13.83
N ILE A 243 -21.42 -2.45 13.77
CA ILE A 243 -21.67 -1.53 12.70
C ILE A 243 -21.17 -2.12 11.40
N CYS A 244 -20.00 -2.76 11.43
CA CYS A 244 -19.47 -3.42 10.25
C CYS A 244 -20.48 -4.42 9.69
N LYS A 245 -21.06 -5.24 10.57
CA LYS A 245 -22.08 -6.20 10.12
C LYS A 245 -23.31 -5.48 9.57
N LEU A 246 -23.72 -4.37 10.22
CA LEU A 246 -24.84 -3.60 9.73
C LEU A 246 -24.61 -3.15 8.28
N PHE A 247 -23.41 -2.68 7.96
CA PHE A 247 -23.13 -2.22 6.61
C PHE A 247 -23.11 -3.38 5.62
N GLU A 248 -22.50 -4.51 6.02
CA GLU A 248 -22.47 -5.67 5.13
C GLU A 248 -23.88 -6.11 4.75
N ASN A 249 -24.79 -6.14 5.71
CA ASN A 249 -26.17 -6.53 5.44
C ASN A 249 -26.92 -5.50 4.60
N TYR A 250 -26.61 -4.20 4.79
CA TYR A 250 -27.20 -3.17 3.95
C TYR A 250 -26.76 -3.32 2.49
N PHE A 251 -25.46 -3.48 2.26
CA PHE A 251 -24.98 -3.62 0.90
C PHE A 251 -25.40 -4.96 0.29
N MET A 252 -25.56 -6.00 1.12
CA MET A 252 -26.11 -7.24 0.62
C MET A 252 -27.57 -7.06 0.21
N LYS A 253 -28.34 -6.31 0.99
CA LYS A 253 -29.74 -6.08 0.65
C LYS A 253 -29.91 -5.40 -0.71
N TYR A 254 -29.05 -4.42 -1.02
CA TYR A 254 -29.19 -3.61 -2.22
C TYR A 254 -28.18 -3.99 -3.31
N LYS A 255 -27.61 -5.19 -3.25
CA LYS A 255 -26.64 -5.58 -4.24
C LYS A 255 -27.27 -5.61 -5.63
N ASP A 256 -26.45 -5.42 -6.64
CA ASP A 256 -26.86 -5.55 -8.04
C ASP A 256 -26.30 -6.81 -8.68
N VAL A 257 -25.73 -7.72 -7.89
CA VAL A 257 -25.22 -9.00 -8.35
C VAL A 257 -25.82 -10.10 -7.48
N SER A 258 -25.66 -11.33 -7.91
CA SER A 258 -26.23 -12.45 -7.18
C SER A 258 -25.55 -12.62 -5.81
N ASN A 259 -26.17 -13.42 -4.96
N ASN A 259 -26.18 -13.42 -4.96
CA ASN A 259 -25.58 -13.71 -3.66
CA ASN A 259 -25.59 -13.71 -3.66
C ASN A 259 -24.24 -14.42 -3.80
C ASN A 259 -24.24 -14.41 -3.81
N GLU A 260 -24.15 -15.39 -4.72
CA GLU A 260 -22.88 -16.07 -4.92
C GLU A 260 -21.81 -15.11 -5.44
N THR A 261 -22.19 -14.18 -6.29
CA THR A 261 -21.23 -13.20 -6.81
C THR A 261 -20.73 -12.31 -5.69
N MET A 262 -21.63 -11.79 -4.86
CA MET A 262 -21.24 -10.92 -3.76
C MET A 262 -20.24 -11.63 -2.87
N ASN A 263 -20.35 -12.96 -2.75
CA ASN A 263 -19.46 -13.76 -1.94
C ASN A 263 -18.19 -14.19 -2.67
N ASN A 264 -18.08 -13.93 -3.97
CA ASN A 264 -16.93 -14.34 -4.76
C ASN A 264 -16.52 -13.23 -5.72
N LEU A 265 -16.45 -12.01 -5.20
CA LEU A 265 -16.14 -10.86 -6.05
C LEU A 265 -14.75 -11.00 -6.65
N ILE A 266 -14.63 -10.56 -7.90
CA ILE A 266 -13.33 -10.60 -8.56
C ILE A 266 -12.43 -9.53 -7.96
N ASN A 267 -11.34 -9.95 -7.32
CA ASN A 267 -10.44 -9.02 -6.64
C ASN A 267 -9.45 -8.48 -7.68
N TYR A 268 -9.66 -7.23 -8.12
CA TYR A 268 -8.81 -6.69 -9.17
C TYR A 268 -7.38 -6.48 -8.70
N ASP A 269 -7.17 -6.34 -7.39
CA ASP A 269 -5.82 -6.20 -6.86
C ASP A 269 -4.93 -7.38 -7.24
N GLU A 270 -5.50 -8.56 -7.41
CA GLU A 270 -4.73 -9.76 -7.71
C GLU A 270 -4.47 -9.96 -9.20
N ILE A 271 -5.04 -9.16 -10.09
CA ILE A 271 -4.91 -9.43 -11.50
C ILE A 271 -4.52 -8.18 -12.29
N ASN A 272 -4.47 -7.02 -11.63
CA ASN A 272 -4.16 -5.80 -12.36
C ASN A 272 -2.71 -5.72 -12.82
N HIS A 273 -1.88 -6.70 -12.44
CA HIS A 273 -0.48 -6.72 -12.85
C HIS A 273 -0.29 -7.37 -14.22
N SER A 274 -1.34 -7.93 -14.81
CA SER A 274 -1.24 -8.73 -16.02
C SER A 274 -2.32 -8.32 -17.00
N LYS A 275 -1.91 -7.99 -18.22
CA LYS A 275 -2.88 -7.63 -19.25
C LYS A 275 -3.85 -8.77 -19.55
N GLU A 276 -3.40 -10.02 -19.40
N GLU A 276 -3.38 -10.02 -19.43
CA GLU A 276 -4.27 -11.13 -19.74
CA GLU A 276 -4.26 -11.15 -19.74
C GLU A 276 -5.17 -11.51 -18.58
C GLU A 276 -5.18 -11.47 -18.58
N LEU A 277 -4.65 -11.49 -17.35
CA LEU A 277 -5.49 -11.84 -16.20
C LEU A 277 -6.47 -10.72 -15.87
N GLY A 278 -6.03 -9.46 -15.99
CA GLY A 278 -6.92 -8.35 -15.73
C GLY A 278 -8.15 -8.34 -16.60
N LYS A 279 -8.11 -9.03 -17.74
CA LYS A 279 -9.28 -9.11 -18.60
C LYS A 279 -10.46 -9.75 -17.92
N GLN A 280 -10.23 -10.58 -16.89
N GLN A 280 -10.23 -10.57 -16.90
CA GLN A 280 -11.34 -11.22 -16.20
CA GLN A 280 -11.34 -11.22 -16.21
C GLN A 280 -12.31 -10.20 -15.61
C GLN A 280 -12.32 -10.20 -15.61
N ALA A 281 -11.88 -8.95 -15.41
CA ALA A 281 -12.74 -7.93 -14.82
C ALA A 281 -13.78 -7.37 -15.79
N TYR A 282 -13.66 -7.63 -17.08
N TYR A 282 -13.67 -7.65 -17.08
CA TYR A 282 -14.65 -7.13 -18.02
CA TYR A 282 -14.65 -7.16 -18.04
C TYR A 282 -15.97 -7.87 -17.83
C TYR A 282 -15.97 -7.88 -17.85
N MET A 283 -17.07 -7.12 -17.85
CA MET A 283 -18.40 -7.70 -17.64
C MET A 283 -19.41 -6.93 -18.46
N LYS A 284 -20.01 -7.60 -19.43
N LYS A 284 -20.03 -7.60 -19.42
CA LYS A 284 -21.09 -7.00 -20.21
CA LYS A 284 -21.08 -6.99 -20.21
C LYS A 284 -22.40 -7.08 -19.43
C LYS A 284 -22.41 -7.10 -19.46
N LEU A 285 -23.22 -6.05 -19.56
CA LEU A 285 -24.55 -6.02 -18.96
C LEU A 285 -25.58 -6.15 -20.06
N ASP A 286 -26.44 -7.17 -19.95
CA ASP A 286 -27.46 -7.37 -20.98
C ASP A 286 -28.50 -6.26 -20.95
N LYS A 287 -29.05 -5.98 -19.77
CA LYS A 287 -30.08 -4.96 -19.62
C LYS A 287 -29.63 -3.95 -18.57
N ILE A 288 -29.83 -2.67 -18.86
CA ILE A 288 -29.56 -1.63 -17.87
C ILE A 288 -30.57 -1.70 -16.74
N GLU A 289 -31.79 -2.16 -17.02
CA GLU A 289 -32.82 -2.27 -16.00
C GLU A 289 -32.44 -3.27 -14.92
N ASP A 290 -31.46 -4.14 -15.18
CA ASP A 290 -31.01 -5.08 -14.16
C ASP A 290 -30.52 -4.34 -12.91
N LEU A 291 -30.07 -3.09 -13.06
CA LEU A 291 -29.51 -2.34 -11.95
C LEU A 291 -30.52 -1.46 -11.24
N GLN A 292 -31.76 -1.41 -11.70
CA GLN A 292 -32.72 -0.47 -11.14
C GLN A 292 -33.00 -0.77 -9.67
N ASP A 293 -32.94 0.28 -8.84
CA ASP A 293 -33.23 0.24 -7.41
C ASP A 293 -32.14 -0.44 -6.59
N LYS A 294 -31.01 -0.77 -7.20
CA LYS A 294 -29.92 -1.46 -6.52
C LYS A 294 -28.68 -0.57 -6.47
N ILE A 295 -27.73 -0.94 -5.62
CA ILE A 295 -26.46 -0.23 -5.51
C ILE A 295 -25.42 -0.96 -6.36
N THR A 296 -24.73 -0.22 -7.21
CA THR A 296 -23.78 -0.77 -8.15
C THR A 296 -22.35 -0.50 -7.78
N ILE A 297 -22.07 0.63 -7.14
CA ILE A 297 -20.73 0.98 -6.71
C ILE A 297 -20.83 1.57 -5.31
N HIS A 298 -20.02 1.08 -4.39
CA HIS A 298 -20.05 1.60 -3.04
C HIS A 298 -18.74 1.27 -2.35
N GLN A 299 -18.41 2.07 -1.35
CA GLN A 299 -17.29 1.82 -0.47
C GLN A 299 -17.58 0.63 0.43
N CYS A 300 -16.54 -0.10 0.78
CA CYS A 300 -16.59 -1.26 1.65
C CYS A 300 -15.78 -0.94 2.89
N PHE A 301 -16.33 -1.25 4.06
CA PHE A 301 -15.70 -0.90 5.32
C PHE A 301 -15.41 -2.17 6.10
N ASN A 302 -14.14 -2.36 6.48
CA ASN A 302 -13.79 -3.36 7.47
C ASN A 302 -13.88 -2.71 8.86
N VAL A 303 -13.61 -3.50 9.91
CA VAL A 303 -13.82 -3.00 11.26
C VAL A 303 -12.92 -1.80 11.57
N GLU A 304 -11.68 -1.83 11.08
CA GLU A 304 -10.79 -0.69 11.27
C GLU A 304 -11.33 0.57 10.61
N ASP A 305 -11.87 0.44 9.38
CA ASP A 305 -12.44 1.60 8.73
C ASP A 305 -13.65 2.12 9.49
N VAL A 306 -14.53 1.21 9.91
CA VAL A 306 -15.72 1.60 10.67
C VAL A 306 -15.32 2.38 11.92
N LYS A 307 -14.30 1.89 12.63
CA LYS A 307 -13.84 2.57 13.83
C LYS A 307 -13.40 3.99 13.52
N HIS A 308 -12.85 4.22 12.31
CA HIS A 308 -12.34 5.55 11.98
C HIS A 308 -13.46 6.47 11.48
N TYR A 309 -14.25 5.99 10.53
CA TYR A 309 -15.21 6.86 9.87
C TYR A 309 -16.46 7.09 10.69
N PHE A 310 -17.02 6.03 11.28
CA PHE A 310 -18.34 6.12 11.90
C PHE A 310 -18.20 6.33 13.40
N THR A 311 -17.55 7.45 13.73
CA THR A 311 -17.24 7.82 15.09
C THR A 311 -17.95 9.13 15.41
N ASN A 312 -17.57 9.72 16.54
CA ASN A 312 -18.08 11.01 16.97
C ASN A 312 -16.90 11.88 17.38
N ILE A 313 -16.69 12.97 16.65
CA ILE A 313 -15.67 13.99 16.91
C ILE A 313 -16.40 15.32 16.84
N ASP A 314 -16.39 16.05 17.95
CA ASP A 314 -17.09 17.33 18.01
C ASP A 314 -16.75 18.22 16.82
N LYS A 315 -17.78 18.73 16.16
CA LYS A 315 -17.67 19.67 15.06
C LYS A 315 -17.14 19.04 13.78
N VAL A 316 -17.08 17.71 13.69
CA VAL A 316 -16.50 17.04 12.54
C VAL A 316 -17.41 15.95 12.05
N ILE A 317 -17.72 14.97 12.92
CA ILE A 317 -18.48 13.79 12.48
C ILE A 317 -19.37 13.33 13.63
N VAL A 318 -20.61 13.00 13.27
CA VAL A 318 -21.61 12.55 14.23
C VAL A 318 -22.18 11.24 13.71
N THR A 319 -22.15 10.22 14.54
CA THR A 319 -22.64 8.89 14.22
C THR A 319 -23.50 8.42 15.39
N TYR A 320 -24.77 8.12 15.12
CA TYR A 320 -25.69 7.56 16.12
C TYR A 320 -26.18 6.20 15.63
N VAL A 321 -26.40 5.31 16.56
CA VAL A 321 -26.95 3.98 16.26
C VAL A 321 -28.21 3.78 17.07
N ARG A 322 -29.14 3.01 16.51
CA ARG A 322 -30.33 2.59 17.22
C ARG A 322 -30.14 1.16 17.68
N GLU A 323 -30.53 0.89 18.92
CA GLU A 323 -30.54 -0.43 19.51
C GLU A 323 -31.98 -0.92 19.66
N ASN A 324 -32.15 -2.23 19.60
CA ASN A 324 -33.45 -2.84 19.85
C ASN A 324 -33.53 -3.26 21.31
N LYS A 325 -34.56 -4.02 21.67
CA LYS A 325 -34.72 -4.43 23.06
C LYS A 325 -33.70 -5.49 23.47
N ASN A 326 -33.01 -6.10 22.51
CA ASN A 326 -31.89 -6.99 22.80
C ASN A 326 -30.56 -6.24 22.88
N LYS A 327 -30.58 -4.90 22.78
N LYS A 327 -30.59 -4.90 22.78
CA LYS A 327 -29.38 -4.09 22.78
CA LYS A 327 -29.38 -4.09 22.78
C LYS A 327 -28.49 -4.40 21.57
C LYS A 327 -28.49 -4.40 21.58
N GLU A 328 -29.13 -4.77 20.46
CA GLU A 328 -28.44 -5.00 19.19
C GLU A 328 -28.62 -3.77 18.30
N ILE A 329 -27.56 -3.39 17.59
CA ILE A 329 -27.62 -2.22 16.72
C ILE A 329 -28.35 -2.59 15.43
N THR A 330 -29.37 -1.81 15.08
CA THR A 330 -30.25 -2.12 13.97
C THR A 330 -30.36 -1.01 12.96
N ASP A 331 -29.98 0.22 13.30
CA ASP A 331 -30.09 1.37 12.42
C ASP A 331 -28.91 2.31 12.72
N LEU A 332 -28.58 3.15 11.75
CA LEU A 332 -27.48 4.08 11.92
C LEU A 332 -27.71 5.31 11.07
N PHE A 333 -27.43 6.48 11.65
CA PHE A 333 -27.32 7.70 10.85
C PHE A 333 -25.99 8.37 11.17
N SER A 334 -25.45 9.09 10.18
CA SER A 334 -24.21 9.81 10.34
C SER A 334 -24.20 11.04 9.44
N PHE A 335 -23.53 12.07 9.91
CA PHE A 335 -23.31 13.25 9.09
C PHE A 335 -22.02 13.90 9.54
N PHE A 336 -21.34 14.53 8.60
CA PHE A 336 -20.16 15.31 8.95
C PHE A 336 -20.51 16.80 8.83
N ILE A 337 -19.58 17.62 9.26
CA ILE A 337 -19.85 19.02 9.57
C ILE A 337 -18.71 19.84 8.99
N ILE A 338 -19.03 20.78 8.12
CA ILE A 338 -18.04 21.68 7.55
C ILE A 338 -18.56 23.11 7.70
N GLU A 339 -17.70 23.98 8.20
CA GLU A 339 -18.00 25.40 8.19
C GLU A 339 -17.74 25.98 6.81
N SER A 340 -18.45 27.04 6.46
CA SER A 340 -18.21 27.78 5.25
C SER A 340 -18.03 29.23 5.61
N THR A 341 -17.10 29.88 4.95
CA THR A 341 -16.91 31.32 5.13
C THR A 341 -17.96 32.06 4.31
N VAL A 342 -18.52 33.10 4.90
CA VAL A 342 -19.40 34.02 4.18
C VAL A 342 -18.48 35.12 3.67
N ILE A 343 -18.15 35.05 2.38
CA ILE A 343 -16.99 35.79 1.86
C ILE A 343 -17.10 37.28 2.13
N ASN A 344 -18.27 37.85 1.92
CA ASN A 344 -18.43 39.31 1.99
C ASN A 344 -19.19 39.75 3.25
N ASN A 345 -18.94 39.08 4.38
CA ASN A 345 -19.61 39.43 5.63
C ASN A 345 -18.58 39.43 6.76
N GLU A 346 -18.14 40.62 7.17
CA GLU A 346 -17.09 40.71 8.17
C GLU A 346 -17.61 40.33 9.55
N ARG A 347 -18.83 40.73 9.89
CA ARG A 347 -19.35 40.52 11.24
C ARG A 347 -19.97 39.15 11.45
N PHE A 348 -20.46 38.50 10.38
CA PHE A 348 -21.01 37.14 10.43
C PHE A 348 -20.21 36.30 9.46
N PRO A 349 -18.98 35.90 9.82
CA PRO A 349 -18.07 35.36 8.81
C PRO A 349 -18.25 33.88 8.47
N THR A 350 -18.94 33.08 9.29
CA THR A 350 -19.02 31.65 9.01
C THR A 350 -20.39 31.08 9.33
N ILE A 351 -20.73 29.98 8.65
CA ILE A 351 -21.90 29.18 8.96
C ILE A 351 -21.48 27.72 9.08
N ASN A 352 -22.23 26.95 9.87
N ASN A 352 -22.21 26.96 9.91
CA ASN A 352 -21.91 25.56 10.19
CA ASN A 352 -21.93 25.56 10.19
C ASN A 352 -22.93 24.66 9.50
C ASN A 352 -22.94 24.71 9.44
N ILE A 353 -22.47 23.83 8.56
CA ILE A 353 -23.35 23.02 7.74
C ILE A 353 -23.10 21.52 7.98
N ALA A 354 -24.16 20.77 8.17
CA ALA A 354 -24.09 19.31 8.23
C ALA A 354 -24.31 18.72 6.84
N TYR A 355 -23.63 17.60 6.58
CA TYR A 355 -23.67 16.89 5.32
C TYR A 355 -23.96 15.42 5.60
N SER A 356 -25.05 14.90 5.06
N SER A 356 -25.06 14.91 5.06
CA SER A 356 -25.40 13.51 5.25
CA SER A 356 -25.40 13.50 5.22
C SER A 356 -24.27 12.61 4.75
C SER A 356 -24.24 12.63 4.75
N TYR A 357 -23.99 11.57 5.52
CA TYR A 357 -22.93 10.63 5.21
C TYR A 357 -23.56 9.30 4.85
N PHE A 358 -23.53 8.30 5.70
CA PHE A 358 -24.15 7.01 5.44
C PHE A 358 -25.27 6.77 6.45
N ASN A 359 -26.40 6.28 5.97
CA ASN A 359 -27.55 6.08 6.82
C ASN A 359 -28.20 4.76 6.46
N ILE A 360 -28.52 3.98 7.48
CA ILE A 360 -29.11 2.67 7.34
C ILE A 360 -30.34 2.60 8.23
N ALA A 361 -31.50 2.38 7.62
CA ALA A 361 -32.75 2.25 8.36
C ALA A 361 -33.30 0.86 8.16
N ASN A 362 -33.44 0.12 9.24
CA ASN A 362 -34.02 -1.21 9.22
C ASN A 362 -35.28 -1.33 10.05
N THR A 363 -35.35 -0.64 11.20
CA THR A 363 -36.53 -0.73 12.05
C THR A 363 -37.43 0.49 11.93
N CYS A 364 -37.02 1.50 11.18
CA CYS A 364 -37.83 2.69 10.95
C CYS A 364 -37.71 3.06 9.49
N SER A 365 -38.59 3.93 9.04
CA SER A 365 -38.47 4.45 7.69
C SER A 365 -37.25 5.36 7.59
N LEU A 366 -36.73 5.52 6.38
CA LEU A 366 -35.62 6.42 6.18
C LEU A 366 -36.04 7.85 6.54
N LYS A 367 -37.29 8.19 6.32
CA LYS A 367 -37.78 9.52 6.68
C LYS A 367 -37.73 9.75 8.19
N GLU A 368 -38.14 8.74 8.96
CA GLU A 368 -38.03 8.85 10.42
C GLU A 368 -36.58 8.93 10.87
N LEU A 369 -35.71 8.14 10.23
CA LEU A 369 -34.29 8.21 10.56
C LEU A 369 -33.76 9.61 10.31
N PHE A 370 -34.05 10.19 9.14
CA PHE A 370 -33.54 11.52 8.84
C PHE A 370 -34.12 12.57 9.77
N ASN A 371 -35.36 12.40 10.20
CA ASN A 371 -35.94 13.34 11.16
C ASN A 371 -35.19 13.33 12.47
N GLU A 372 -34.82 12.15 12.96
CA GLU A 372 -33.95 12.09 14.14
C GLU A 372 -32.57 12.70 13.85
N MET A 373 -32.05 12.51 12.63
CA MET A 373 -30.75 13.07 12.31
C MET A 373 -30.79 14.59 12.20
N LEU A 374 -31.88 15.14 11.62
CA LEU A 374 -32.01 16.59 11.53
C LEU A 374 -32.03 17.23 12.90
N ILE A 375 -32.71 16.63 13.86
CA ILE A 375 -32.77 17.17 15.22
C ILE A 375 -31.40 17.14 15.86
N THR A 376 -30.65 16.05 15.66
CA THR A 376 -29.30 15.97 16.20
C THR A 376 -28.36 16.99 15.56
N ALA A 377 -28.50 17.23 14.26
CA ALA A 377 -27.70 18.27 13.62
C ALA A 377 -28.06 19.66 14.13
N LYS A 378 -29.34 19.92 14.36
CA LYS A 378 -29.73 21.17 15.02
C LYS A 378 -29.06 21.27 16.39
N ASN A 379 -29.10 20.18 17.16
CA ASN A 379 -28.47 20.21 18.50
C ASN A 379 -26.95 20.25 18.44
N ASN A 380 -26.36 19.97 17.29
CA ASN A 380 -24.94 20.18 17.06
C ASN A 380 -24.63 21.55 16.45
N ASN A 381 -25.56 22.49 16.52
N ASN A 381 -25.57 22.49 16.52
CA ASN A 381 -25.34 23.87 16.11
CA ASN A 381 -25.34 23.88 16.11
C ASN A 381 -25.09 24.00 14.61
C ASN A 381 -25.08 24.00 14.61
N CYS A 382 -25.72 23.15 13.80
CA CYS A 382 -25.64 23.28 12.35
C CYS A 382 -26.77 24.17 11.85
N ASP A 383 -26.42 25.04 10.90
CA ASP A 383 -27.37 26.03 10.36
C ASP A 383 -28.19 25.47 9.22
N ALA A 384 -27.74 24.38 8.61
CA ALA A 384 -28.49 23.71 7.56
C ALA A 384 -27.99 22.28 7.48
N PHE A 385 -28.79 21.45 6.85
CA PHE A 385 -28.44 20.05 6.60
C PHE A 385 -28.48 19.83 5.09
N ASN A 386 -27.34 19.44 4.54
CA ASN A 386 -27.18 19.26 3.11
C ASN A 386 -27.13 17.76 2.74
N THR A 387 -27.76 17.40 1.64
CA THR A 387 -27.72 16.02 1.19
C THR A 387 -27.70 15.96 -0.32
N LEU A 388 -27.20 14.82 -0.84
CA LEU A 388 -27.25 14.41 -2.22
C LEU A 388 -28.33 13.38 -2.40
N ASP A 389 -28.81 13.22 -3.65
CA ASP A 389 -29.79 12.17 -3.93
C ASP A 389 -29.11 10.82 -4.20
N LEU A 390 -28.13 10.44 -3.42
CA LEU A 390 -27.49 9.15 -3.52
C LEU A 390 -28.29 8.10 -2.74
N MET A 391 -28.03 6.83 -3.07
CA MET A 391 -28.62 5.68 -2.36
C MET A 391 -30.12 5.88 -2.32
N GLN A 392 -30.77 5.74 -1.15
CA GLN A 392 -32.22 5.85 -1.03
C GLN A 392 -32.66 7.24 -0.53
N ASN A 393 -31.82 8.22 -0.63
CA ASN A 393 -32.09 9.54 -0.04
C ASN A 393 -33.25 10.24 -0.75
N LEU A 394 -33.52 9.91 -2.01
CA LEU A 394 -34.63 10.58 -2.67
C LEU A 394 -35.93 10.28 -1.93
N GLN A 395 -36.05 9.09 -1.34
CA GLN A 395 -37.24 8.75 -0.56
C GLN A 395 -37.53 9.84 0.46
N VAL A 396 -36.48 10.38 1.10
CA VAL A 396 -36.69 11.40 2.11
C VAL A 396 -36.78 12.77 1.48
N ILE A 397 -35.94 13.05 0.49
CA ILE A 397 -35.98 14.34 -0.18
C ILE A 397 -37.36 14.61 -0.76
N GLN A 398 -37.99 13.59 -1.35
CA GLN A 398 -39.35 13.76 -1.85
C GLN A 398 -40.30 14.08 -0.70
N ASP A 399 -41.32 14.88 -1.00
CA ASP A 399 -42.35 15.23 -0.03
C ASP A 399 -41.74 15.69 1.29
N SER A 400 -40.67 16.48 1.19
CA SER A 400 -40.00 17.05 2.35
C SER A 400 -39.83 18.54 2.12
N LYS A 401 -39.15 19.20 3.06
CA LYS A 401 -38.90 20.63 2.97
C LYS A 401 -37.47 20.94 2.53
N PHE A 402 -36.76 19.95 2.01
CA PHE A 402 -35.48 20.23 1.36
C PHE A 402 -35.72 21.12 0.15
N ILE A 403 -34.79 22.04 -0.10
CA ILE A 403 -34.84 22.93 -1.25
C ILE A 403 -33.66 22.62 -2.15
N ILE A 404 -33.89 22.65 -3.46
CA ILE A 404 -32.84 22.23 -4.36
C ILE A 404 -31.70 23.24 -4.34
N GLY A 405 -30.49 22.75 -4.52
CA GLY A 405 -29.32 23.58 -4.63
C GLY A 405 -29.06 23.98 -6.07
N THR A 406 -27.91 24.62 -6.27
CA THR A 406 -27.49 25.13 -7.57
C THR A 406 -26.36 24.24 -8.08
N GLY A 407 -26.39 23.94 -9.36
CA GLY A 407 -25.35 23.09 -9.91
C GLY A 407 -25.65 21.62 -9.66
N ARG A 408 -24.71 20.77 -10.09
CA ARG A 408 -24.82 19.33 -9.94
C ARG A 408 -23.42 18.80 -9.66
N LEU A 409 -23.35 17.68 -8.91
CA LEU A 409 -22.08 17.03 -8.58
C LEU A 409 -21.85 15.86 -9.52
N ARG A 410 -20.80 15.95 -10.32
CA ARG A 410 -20.47 14.89 -11.28
C ARG A 410 -19.51 13.89 -10.65
N TYR A 411 -19.82 12.62 -10.81
CA TYR A 411 -19.02 11.51 -10.32
C TYR A 411 -18.22 10.92 -11.44
N TYR A 412 -16.93 10.73 -11.20
CA TYR A 412 -16.02 10.15 -12.19
C TYR A 412 -15.26 8.96 -11.62
N VAL A 413 -14.96 8.04 -12.48
CA VAL A 413 -14.05 6.95 -12.17
C VAL A 413 -12.92 6.98 -13.18
N PHE A 414 -11.70 7.01 -12.68
CA PHE A 414 -10.49 7.01 -13.51
C PHE A 414 -10.15 5.57 -13.86
N ASN A 415 -10.03 5.30 -15.16
CA ASN A 415 -9.57 4.03 -15.68
C ASN A 415 -10.50 2.87 -15.35
N TRP A 416 -11.80 3.14 -15.34
CA TRP A 416 -12.79 2.10 -15.21
C TRP A 416 -14.02 2.53 -16.01
N LYS A 417 -14.72 1.54 -16.54
CA LYS A 417 -15.96 1.75 -17.27
C LYS A 417 -17.13 1.43 -16.34
N ILE A 418 -18.03 2.40 -16.19
CA ILE A 418 -19.29 2.22 -15.47
C ILE A 418 -20.38 2.82 -16.36
N PRO A 419 -21.43 2.08 -16.70
CA PRO A 419 -22.55 2.71 -17.42
C PRO A 419 -23.08 3.92 -16.70
N GLN A 420 -23.62 4.86 -17.44
CA GLN A 420 -24.30 5.97 -16.78
C GLN A 420 -25.47 5.43 -15.94
N ILE A 421 -25.45 5.71 -14.64
CA ILE A 421 -26.40 5.15 -13.70
C ILE A 421 -27.01 6.26 -12.87
N SER A 422 -28.11 5.95 -12.21
CA SER A 422 -28.76 6.89 -11.33
C SER A 422 -27.94 7.03 -10.06
N PRO A 423 -28.02 8.19 -9.41
CA PRO A 423 -27.29 8.35 -8.14
C PRO A 423 -27.82 7.43 -7.04
N SER A 424 -29.04 6.93 -7.16
CA SER A 424 -29.51 5.95 -6.20
C SER A 424 -28.66 4.67 -6.24
N ASN A 425 -27.91 4.46 -7.33
CA ASN A 425 -27.09 3.26 -7.50
CA ASN A 425 -27.08 3.26 -7.50
C ASN A 425 -25.69 3.45 -6.92
N VAL A 426 -25.39 4.61 -6.34
CA VAL A 426 -24.04 4.94 -5.90
C VAL A 426 -24.06 5.11 -4.39
N GLY A 427 -23.15 4.41 -3.70
CA GLY A 427 -22.90 4.56 -2.29
C GLY A 427 -21.47 4.96 -2.02
N ILE A 428 -21.10 6.13 -2.52
CA ILE A 428 -19.78 6.72 -2.37
C ILE A 428 -19.99 8.17 -1.96
N ILE A 429 -19.46 8.55 -0.80
CA ILE A 429 -19.52 9.92 -0.33
C ILE A 429 -18.09 10.45 -0.21
N LEU A 430 -17.82 11.57 -0.86
CA LEU A 430 -16.52 12.22 -0.77
C LEU A 430 -16.65 13.48 0.09
N PHE A 431 -15.57 13.81 0.78
CA PHE A 431 -15.59 14.88 1.78
C PHE A 431 -15.43 16.28 1.18
N PRO B 6 -7.16 -22.38 -5.45
CA PRO B 6 -7.35 -23.31 -4.33
C PRO B 6 -6.13 -24.21 -4.14
N HIS B 7 -5.41 -24.01 -3.05
CA HIS B 7 -4.18 -24.75 -2.80
C HIS B 7 -4.47 -26.24 -2.64
N LYS B 8 -3.53 -27.06 -3.12
CA LYS B 8 -3.51 -28.48 -2.82
C LYS B 8 -2.39 -28.86 -1.87
N PHE B 9 -1.40 -27.98 -1.69
CA PHE B 9 -0.30 -28.23 -0.77
C PHE B 9 -0.26 -27.24 0.38
N TRP B 10 -0.28 -25.94 0.10
CA TRP B 10 -0.11 -24.97 1.18
C TRP B 10 -1.27 -24.96 2.15
N ASN B 11 -2.45 -25.41 1.73
CA ASN B 11 -3.56 -25.56 2.66
C ASN B 11 -3.25 -26.56 3.75
N THR B 12 -2.21 -27.38 3.59
CA THR B 12 -1.93 -28.47 4.52
C THR B 12 -0.79 -28.15 5.48
N GLN B 13 -0.15 -26.98 5.35
CA GLN B 13 1.09 -26.66 6.02
C GLN B 13 0.88 -25.66 7.17
N PRO B 14 1.78 -25.66 8.14
CA PRO B 14 1.67 -24.74 9.29
C PRO B 14 2.07 -23.32 8.91
N VAL B 15 1.19 -22.66 8.16
CA VAL B 15 1.37 -21.27 7.77
C VAL B 15 0.03 -20.57 7.91
N VAL B 16 0.08 -19.25 8.02
CA VAL B 16 -1.17 -18.47 8.07
C VAL B 16 -1.79 -18.46 6.69
N GLN B 17 -3.03 -18.92 6.60
CA GLN B 17 -3.74 -18.99 5.32
C GLN B 17 -4.39 -17.64 5.01
N ASN B 18 -4.57 -17.37 3.71
CA ASN B 18 -5.18 -16.11 3.31
C ASN B 18 -6.55 -15.90 3.93
N ASP B 19 -7.17 -16.96 4.44
CA ASP B 19 -8.48 -16.89 5.07
C ASP B 19 -8.42 -16.89 6.59
N ASP B 20 -7.22 -17.03 7.18
CA ASP B 20 -7.11 -17.06 8.63
C ASP B 20 -7.39 -15.68 9.22
N SER B 21 -8.16 -15.66 10.32
CA SER B 21 -8.48 -14.39 10.96
C SER B 21 -8.72 -14.53 12.47
N SER B 22 -8.21 -15.59 13.11
CA SER B 22 -8.33 -15.78 14.54
C SER B 22 -7.05 -16.40 15.06
N SER B 23 -6.48 -15.81 16.12
CA SER B 23 -5.19 -16.26 16.62
C SER B 23 -5.01 -16.04 18.11
N GLU B 24 -5.69 -15.01 18.66
CA GLU B 24 -5.61 -14.68 20.08
C GLU B 24 -4.23 -14.18 20.47
N TYR B 25 -3.18 -14.88 20.05
CA TYR B 25 -1.81 -14.42 20.22
C TYR B 25 -1.28 -13.90 18.88
N SER B 26 -0.60 -12.76 18.91
CA SER B 26 -0.11 -12.17 17.68
C SER B 26 1.20 -12.80 17.23
N PHE B 27 2.01 -13.29 18.16
CA PHE B 27 3.29 -13.91 17.85
C PHE B 27 3.38 -15.28 18.49
N GLY B 28 4.16 -16.16 17.88
CA GLY B 28 4.41 -17.46 18.44
C GLY B 28 4.38 -18.55 17.38
N PRO B 29 4.81 -19.75 17.74
CA PRO B 29 4.78 -20.84 16.76
C PRO B 29 3.37 -21.27 16.46
N ILE B 30 3.15 -21.68 15.22
CA ILE B 30 1.83 -22.18 14.82
C ILE B 30 1.60 -23.55 15.36
N GLU B 31 2.59 -24.44 15.24
CA GLU B 31 2.56 -25.76 15.85
C GLU B 31 3.89 -26.06 16.52
N ILE B 32 3.83 -26.82 17.60
CA ILE B 32 5.01 -27.30 18.32
C ILE B 32 4.98 -28.81 18.20
N GLU B 33 5.65 -29.34 17.19
CA GLU B 33 5.63 -30.76 16.86
C GLU B 33 7.06 -31.25 16.72
N PRO B 34 7.79 -31.35 17.83
CA PRO B 34 9.22 -31.72 17.74
C PRO B 34 9.47 -33.20 17.51
N ASP B 35 8.47 -34.07 17.63
CA ASP B 35 8.66 -35.51 17.55
C ASP B 35 7.85 -36.20 16.47
N SER B 36 6.84 -35.55 15.91
CA SER B 36 5.84 -36.24 15.10
C SER B 36 6.04 -36.06 13.60
N PHE B 37 7.11 -35.40 13.18
CA PHE B 37 7.27 -35.14 11.76
C PHE B 37 7.85 -36.34 11.03
N ARG B 38 7.64 -36.36 9.73
CA ARG B 38 8.18 -37.42 8.88
C ARG B 38 9.68 -37.29 8.73
N LYS B 39 10.38 -38.42 8.85
CA LYS B 39 11.83 -38.46 8.72
C LYS B 39 12.30 -39.27 7.54
N GLU B 40 11.42 -40.03 6.90
CA GLU B 40 11.79 -40.83 5.73
C GLU B 40 11.81 -39.94 4.49
N ILE B 41 12.86 -40.09 3.69
CA ILE B 41 13.05 -39.26 2.51
C ILE B 41 11.87 -39.43 1.55
N TYR B 42 11.49 -38.33 0.91
CA TYR B 42 10.34 -38.35 0.01
C TYR B 42 10.71 -38.97 -1.34
N LYS B 43 9.71 -39.58 -1.96
N LYS B 43 9.73 -39.59 -1.96
CA LYS B 43 9.89 -40.26 -3.24
CA LYS B 43 9.94 -40.26 -3.23
C LYS B 43 9.73 -39.28 -4.39
C LYS B 43 9.75 -39.28 -4.38
N LEU B 44 10.59 -39.41 -5.39
CA LEU B 44 10.48 -38.67 -6.62
C LEU B 44 9.79 -39.53 -7.65
N PRO B 45 9.29 -38.95 -8.74
CA PRO B 45 8.78 -39.79 -9.84
C PRO B 45 9.88 -40.73 -10.31
N ASP B 46 9.48 -41.88 -10.85
CA ASP B 46 10.44 -42.86 -11.31
C ASP B 46 11.40 -42.22 -12.32
N GLY B 47 12.68 -42.57 -12.21
CA GLY B 47 13.70 -42.02 -13.07
C GLY B 47 14.42 -40.80 -12.54
N PHE B 48 14.11 -40.35 -11.32
CA PHE B 48 14.74 -39.19 -10.73
C PHE B 48 15.40 -39.56 -9.41
N SER B 49 16.44 -38.80 -9.03
CA SER B 49 17.18 -39.08 -7.82
C SER B 49 17.54 -37.79 -7.11
N TRP B 50 17.59 -37.86 -5.78
CA TRP B 50 18.07 -36.80 -4.95
C TRP B 50 19.60 -36.84 -4.90
N PHE B 51 20.22 -35.67 -4.72
CA PHE B 51 21.64 -35.63 -4.41
C PHE B 51 21.97 -34.37 -3.63
N ASP B 52 23.01 -34.47 -2.81
CA ASP B 52 23.57 -33.33 -2.10
C ASP B 52 24.49 -32.60 -3.06
N CYS B 53 24.19 -31.34 -3.32
N CYS B 53 24.15 -31.34 -3.35
CA CYS B 53 24.92 -30.58 -4.32
CA CYS B 53 24.92 -30.57 -4.31
C CYS B 53 26.24 -30.13 -3.73
C CYS B 53 26.25 -30.16 -3.70
N ASN B 54 27.36 -30.54 -4.36
CA ASN B 54 28.70 -30.19 -3.91
C ASN B 54 29.06 -28.79 -4.40
N LEU B 55 28.55 -27.79 -3.70
CA LEU B 55 28.94 -26.41 -3.96
C LEU B 55 30.18 -26.02 -3.18
N TRP B 56 30.87 -26.99 -2.58
CA TRP B 56 32.08 -26.75 -1.78
C TRP B 56 33.32 -26.73 -2.64
N ASP B 57 33.22 -27.14 -3.90
CA ASP B 57 34.29 -27.10 -4.89
C ASP B 57 33.73 -26.32 -6.07
N ILE B 58 34.26 -25.11 -6.29
CA ILE B 58 33.72 -24.26 -7.33
C ILE B 58 33.97 -24.83 -8.72
N GLU B 59 34.90 -25.77 -8.84
CA GLU B 59 35.20 -26.42 -10.12
C GLU B 59 34.40 -27.69 -10.34
N SER B 60 33.50 -28.04 -9.42
CA SER B 60 32.87 -29.34 -9.48
C SER B 60 31.77 -29.36 -10.55
N GLN B 61 31.44 -30.58 -11.01
CA GLN B 61 30.36 -30.74 -11.98
C GLN B 61 29.03 -30.31 -11.38
N ASP B 62 28.81 -30.62 -10.10
CA ASP B 62 27.58 -30.19 -9.43
C ASP B 62 27.40 -28.68 -9.53
N PHE B 63 28.47 -27.92 -9.31
CA PHE B 63 28.38 -26.47 -9.41
C PHE B 63 28.05 -26.04 -10.84
N GLU B 64 28.67 -26.68 -11.83
CA GLU B 64 28.36 -26.33 -13.22
C GLU B 64 26.89 -26.60 -13.52
N ASP B 65 26.39 -27.78 -13.12
CA ASP B 65 24.99 -28.10 -13.37
C ASP B 65 24.06 -27.12 -12.66
N THR B 66 24.34 -26.80 -11.40
CA THR B 66 23.48 -25.86 -10.66
C THR B 66 23.48 -24.50 -11.31
N TYR B 67 24.66 -24.01 -11.66
CA TYR B 67 24.80 -22.72 -12.35
C TYR B 67 23.97 -22.70 -13.63
N GLN B 68 24.14 -23.74 -14.47
CA GLN B 68 23.42 -23.81 -15.74
C GLN B 68 21.92 -23.93 -15.52
N LEU B 69 21.50 -24.68 -14.51
CA LEU B 69 20.08 -24.81 -14.22
C LEU B 69 19.49 -23.45 -13.87
N LEU B 70 20.11 -22.75 -12.93
CA LEU B 70 19.58 -21.46 -12.50
C LEU B 70 19.66 -20.46 -13.63
N LYS B 71 20.75 -20.48 -14.39
CA LYS B 71 20.93 -19.52 -15.48
C LYS B 71 19.80 -19.62 -16.50
N ASP B 72 19.32 -20.82 -16.78
CA ASP B 72 18.32 -21.03 -17.82
C ASP B 72 16.90 -21.17 -17.27
N HIS B 73 16.74 -21.33 -15.95
CA HIS B 73 15.43 -21.68 -15.43
C HIS B 73 15.01 -20.97 -14.14
N TYR B 74 15.82 -20.07 -13.62
CA TYR B 74 15.47 -19.45 -12.34
C TYR B 74 14.59 -18.23 -12.63
N VAL B 75 14.50 -17.32 -11.68
CA VAL B 75 13.43 -16.31 -11.68
C VAL B 75 13.57 -15.36 -12.87
N GLU B 76 12.48 -15.19 -13.60
CA GLU B 76 12.32 -14.18 -14.62
C GLU B 76 11.24 -13.19 -14.18
N ASP B 77 11.30 -11.96 -14.67
CA ASP B 77 10.20 -11.04 -14.40
C ASP B 77 8.94 -11.56 -15.10
N ASP B 78 7.81 -10.88 -14.82
CA ASP B 78 6.53 -11.35 -15.35
C ASP B 78 6.53 -11.35 -16.88
N ASP B 79 7.20 -10.37 -17.49
CA ASP B 79 7.20 -10.23 -18.94
C ASP B 79 8.25 -11.08 -19.64
N SER B 80 8.97 -11.93 -18.90
CA SER B 80 10.01 -12.76 -19.48
C SER B 80 11.02 -11.93 -20.26
N GLN B 81 11.34 -10.74 -19.76
N GLN B 81 11.32 -10.74 -19.76
CA GLN B 81 12.35 -9.92 -20.41
CA GLN B 81 12.33 -9.88 -20.36
C GLN B 81 13.73 -10.08 -19.79
C GLN B 81 13.71 -10.11 -19.79
N PHE B 82 13.79 -10.49 -18.52
CA PHE B 82 15.06 -10.63 -17.81
C PHE B 82 15.01 -11.89 -16.97
N ARG B 83 16.16 -12.55 -16.83
CA ARG B 83 16.31 -13.69 -15.93
C ARG B 83 17.60 -13.52 -15.13
N PHE B 84 17.54 -13.83 -13.84
CA PHE B 84 18.74 -13.79 -13.00
C PHE B 84 19.81 -14.71 -13.55
N ASN B 85 21.06 -14.24 -13.53
CA ASN B 85 22.23 -15.02 -13.92
C ASN B 85 23.24 -14.99 -12.76
N TYR B 86 22.89 -15.66 -11.67
CA TYR B 86 23.74 -15.74 -10.49
C TYR B 86 25.07 -16.41 -10.86
N SER B 87 26.17 -15.78 -10.46
CA SER B 87 27.49 -16.35 -10.73
C SER B 87 27.79 -17.47 -9.73
N LYS B 88 28.76 -18.30 -10.10
CA LYS B 88 29.21 -19.34 -9.17
C LYS B 88 29.78 -18.72 -7.90
N GLU B 89 30.53 -17.63 -8.04
CA GLU B 89 31.12 -16.98 -6.87
C GLU B 89 30.04 -16.39 -5.98
N PHE B 90 28.96 -15.86 -6.57
CA PHE B 90 27.84 -15.41 -5.75
C PHE B 90 27.16 -16.59 -5.03
N LEU B 91 26.87 -17.67 -5.77
CA LEU B 91 26.20 -18.81 -5.18
C LEU B 91 27.02 -19.37 -4.03
N ARG B 92 28.34 -19.41 -4.18
CA ARG B 92 29.19 -19.90 -3.12
C ARG B 92 29.09 -19.02 -1.88
N TRP B 93 29.13 -17.69 -2.08
CA TRP B 93 28.99 -16.76 -0.95
C TRP B 93 27.59 -16.85 -0.33
N ALA B 94 26.57 -16.96 -1.14
CA ALA B 94 25.22 -16.96 -0.61
C ALA B 94 24.82 -18.28 0.05
N LEU B 95 25.48 -19.40 -0.26
CA LEU B 95 25.00 -20.69 0.23
C LEU B 95 25.99 -21.40 1.15
N CYS B 96 27.29 -21.16 1.01
CA CYS B 96 28.29 -21.82 1.86
C CYS B 96 28.60 -20.94 3.06
N VAL B 97 27.58 -20.77 3.89
CA VAL B 97 27.63 -19.79 4.98
C VAL B 97 28.10 -20.46 6.27
N PRO B 98 28.53 -19.70 7.27
CA PRO B 98 28.92 -20.34 8.54
C PRO B 98 27.80 -21.16 9.13
N GLY B 99 28.11 -22.40 9.48
CA GLY B 99 27.16 -23.32 10.06
C GLY B 99 26.32 -24.08 9.05
N GLN B 100 26.59 -23.92 7.76
CA GLN B 100 25.81 -24.59 6.74
C GLN B 100 25.97 -26.11 6.86
N LYS B 101 24.93 -26.83 6.45
CA LYS B 101 24.91 -28.29 6.40
C LYS B 101 25.03 -28.73 4.94
N LYS B 102 25.83 -29.75 4.70
CA LYS B 102 25.99 -30.27 3.35
C LYS B 102 24.66 -30.72 2.75
N ASN B 103 23.78 -31.29 3.55
CA ASN B 103 22.53 -31.82 3.03
C ASN B 103 21.41 -30.78 2.95
N TRP B 104 21.70 -29.49 3.18
CA TRP B 104 20.71 -28.47 2.89
C TRP B 104 20.85 -27.88 1.50
N LEU B 105 21.75 -28.43 0.68
CA LEU B 105 21.87 -28.05 -0.73
C LEU B 105 21.43 -29.26 -1.55
N VAL B 106 20.24 -29.17 -2.15
CA VAL B 106 19.45 -30.35 -2.55
C VAL B 106 19.15 -30.26 -4.04
N GLY B 107 19.62 -31.25 -4.80
CA GLY B 107 19.37 -31.31 -6.21
C GLY B 107 18.53 -32.49 -6.61
N VAL B 108 17.98 -32.42 -7.81
CA VAL B 108 17.24 -33.53 -8.42
C VAL B 108 17.88 -33.79 -9.77
N ARG B 109 18.25 -35.04 -10.01
CA ARG B 109 18.94 -35.47 -11.20
C ARG B 109 18.07 -36.48 -11.94
N VAL B 110 18.10 -36.40 -13.28
CA VAL B 110 17.47 -37.40 -14.12
C VAL B 110 18.46 -38.54 -14.31
N ASN B 111 18.05 -39.77 -13.93
CA ASN B 111 18.96 -40.90 -13.98
C ASN B 111 19.43 -41.20 -15.40
N GLU B 112 18.53 -41.09 -16.38
CA GLU B 112 18.85 -41.50 -17.74
C GLU B 112 19.87 -40.55 -18.37
N THR B 113 19.76 -39.25 -18.09
CA THR B 113 20.62 -38.26 -18.72
C THR B 113 21.63 -37.65 -17.77
N LYS B 114 21.53 -37.89 -16.46
N LYS B 114 21.53 -37.89 -16.46
CA LYS B 114 22.38 -37.26 -15.45
CA LYS B 114 22.38 -37.26 -15.45
C LYS B 114 22.23 -35.74 -15.44
C LYS B 114 22.23 -35.74 -15.44
N LYS B 115 21.15 -35.22 -16.01
CA LYS B 115 20.92 -33.78 -16.03
C LYS B 115 20.27 -33.35 -14.72
N MET B 116 20.72 -32.23 -14.19
CA MET B 116 20.11 -31.63 -13.01
C MET B 116 18.88 -30.84 -13.44
N VAL B 117 17.74 -31.16 -12.86
CA VAL B 117 16.46 -30.57 -13.24
C VAL B 117 15.77 -29.88 -12.09
N GLY B 118 16.33 -29.92 -10.88
CA GLY B 118 15.66 -29.38 -9.72
C GLY B 118 16.69 -29.01 -8.67
N PHE B 119 16.39 -27.95 -7.93
CA PHE B 119 17.27 -27.48 -6.88
C PHE B 119 16.44 -26.77 -5.82
N ILE B 120 16.89 -26.90 -4.57
CA ILE B 120 16.32 -26.11 -3.48
C ILE B 120 17.41 -26.05 -2.42
N SER B 121 17.44 -24.94 -1.69
CA SER B 121 18.51 -24.75 -0.70
C SER B 121 17.95 -24.13 0.56
N ALA B 122 18.64 -24.36 1.66
CA ALA B 122 18.38 -23.71 2.93
C ALA B 122 19.73 -23.24 3.48
N ILE B 123 19.73 -22.07 4.09
CA ILE B 123 20.88 -21.66 4.88
C ILE B 123 20.43 -21.45 6.32
N PRO B 124 21.27 -21.73 7.30
CA PRO B 124 20.92 -21.39 8.68
C PRO B 124 21.14 -19.90 8.91
N ILE B 125 20.24 -19.30 9.68
CA ILE B 125 20.44 -17.94 10.18
C ILE B 125 19.95 -17.87 11.63
N LYS B 126 20.32 -16.81 12.31
CA LYS B 126 19.77 -16.45 13.60
C LYS B 126 18.85 -15.24 13.43
N VAL B 127 17.68 -15.28 14.07
CA VAL B 127 16.73 -14.19 13.96
C VAL B 127 16.22 -13.83 15.33
N ARG B 128 15.88 -12.55 15.50
CA ARG B 128 14.95 -12.11 16.55
C ARG B 128 13.60 -11.90 15.88
N ILE B 129 12.53 -12.38 16.54
CA ILE B 129 11.15 -12.10 16.16
C ILE B 129 10.48 -11.59 17.43
N HIS B 130 10.30 -10.28 17.52
CA HIS B 130 9.69 -9.63 18.68
C HIS B 130 10.44 -10.04 19.96
N ASN B 131 9.78 -10.71 20.90
CA ASN B 131 10.42 -11.07 22.16
C ASN B 131 11.14 -12.43 22.13
N CYS B 132 11.26 -13.06 20.96
N CYS B 132 11.33 -13.01 20.95
CA CYS B 132 11.93 -14.34 20.82
CA CYS B 132 11.90 -14.34 20.81
C CYS B 132 13.18 -14.23 19.96
C CYS B 132 13.11 -14.33 19.88
N ILE B 133 14.13 -15.12 20.22
CA ILE B 133 15.31 -15.32 19.39
C ILE B 133 15.39 -16.81 19.05
N MET B 134 15.81 -17.13 17.85
CA MET B 134 15.93 -18.52 17.48
C MET B 134 16.92 -18.68 16.34
N ASN B 135 17.49 -19.87 16.26
CA ASN B 135 18.13 -20.34 15.05
C ASN B 135 17.04 -20.79 14.11
N THR B 136 17.16 -20.43 12.84
CA THR B 136 16.14 -20.79 11.89
C THR B 136 16.80 -21.00 10.54
N SER B 137 16.00 -20.97 9.49
CA SER B 137 16.48 -21.28 8.14
C SER B 137 15.86 -20.31 7.16
N VAL B 138 16.54 -20.14 6.03
CA VAL B 138 16.03 -19.40 4.89
C VAL B 138 16.08 -20.34 3.69
N VAL B 139 14.95 -20.51 3.03
CA VAL B 139 14.88 -21.34 1.85
C VAL B 139 14.90 -20.43 0.62
N ASN B 140 15.74 -20.77 -0.33
CA ASN B 140 15.93 -19.93 -1.51
C ASN B 140 16.35 -20.83 -2.67
N PHE B 141 16.34 -20.24 -3.85
CA PHE B 141 16.83 -20.89 -5.08
C PHE B 141 16.04 -22.17 -5.41
N LEU B 142 14.77 -22.22 -5.04
CA LEU B 142 13.89 -23.26 -5.55
C LEU B 142 13.75 -23.08 -7.06
N CYS B 143 14.07 -24.11 -7.82
CA CYS B 143 14.11 -24.04 -9.26
C CYS B 143 13.80 -25.41 -9.85
N VAL B 144 12.84 -25.47 -10.76
CA VAL B 144 12.50 -26.67 -11.50
C VAL B 144 12.68 -26.36 -12.98
N HIS B 145 13.32 -27.28 -13.68
CA HIS B 145 13.50 -27.13 -15.12
C HIS B 145 12.17 -26.80 -15.78
N LYS B 146 12.21 -25.88 -16.75
CA LYS B 146 10.98 -25.43 -17.41
C LYS B 146 10.19 -26.58 -17.99
N LYS B 147 10.87 -27.58 -18.54
CA LYS B 147 10.16 -28.71 -19.15
C LYS B 147 9.45 -29.60 -18.13
N LEU B 148 9.72 -29.43 -16.84
CA LEU B 148 9.07 -30.23 -15.80
C LEU B 148 8.12 -29.41 -14.93
N ARG B 149 7.78 -28.19 -15.35
CA ARG B 149 6.91 -27.36 -14.55
C ARG B 149 5.47 -27.85 -14.60
N SER B 150 4.69 -27.45 -13.59
CA SER B 150 3.26 -27.74 -13.50
C SER B 150 3.00 -29.24 -13.45
N LYS B 151 3.90 -29.97 -12.77
CA LYS B 151 3.72 -31.40 -12.52
C LYS B 151 3.74 -31.71 -11.02
N ARG B 152 3.69 -30.68 -10.17
CA ARG B 152 3.63 -30.86 -8.72
C ARG B 152 4.96 -31.36 -8.14
N LEU B 153 6.07 -31.04 -8.79
N LEU B 153 6.06 -31.04 -8.80
CA LEU B 153 7.36 -31.39 -8.23
CA LEU B 153 7.37 -31.39 -8.27
C LEU B 153 7.79 -30.43 -7.13
C LEU B 153 7.83 -30.42 -7.19
N ALA B 154 7.32 -29.19 -7.17
CA ALA B 154 7.81 -28.18 -6.23
C ALA B 154 7.42 -28.57 -4.81
N PRO B 155 6.21 -29.07 -4.56
CA PRO B 155 5.88 -29.46 -3.19
C PRO B 155 6.77 -30.58 -2.68
N VAL B 156 7.22 -31.48 -3.57
CA VAL B 156 8.11 -32.54 -3.15
C VAL B 156 9.45 -31.97 -2.70
N LEU B 157 10.03 -31.07 -3.49
CA LEU B 157 11.22 -30.35 -3.08
C LEU B 157 11.01 -29.64 -1.76
N ILE B 158 9.86 -28.95 -1.60
CA ILE B 158 9.62 -28.21 -0.37
C ILE B 158 9.51 -29.17 0.82
N LYS B 159 8.78 -30.27 0.66
CA LYS B 159 8.65 -31.23 1.73
C LYS B 159 10.01 -31.83 2.10
N GLU B 160 10.87 -32.05 1.09
CA GLU B 160 12.15 -32.68 1.35
C GLU B 160 13.08 -31.73 2.10
N ILE B 161 13.14 -30.47 1.70
CA ILE B 161 13.98 -29.54 2.46
C ILE B 161 13.42 -29.36 3.86
N THR B 162 12.09 -29.32 4.00
CA THR B 162 11.47 -29.25 5.33
C THR B 162 11.96 -30.40 6.20
N ARG B 163 11.95 -31.62 5.68
CA ARG B 163 12.41 -32.76 6.45
C ARG B 163 13.86 -32.59 6.88
N ARG B 164 14.70 -32.12 5.99
CA ARG B 164 16.13 -32.00 6.30
C ARG B 164 16.39 -30.89 7.30
N ILE B 165 15.56 -29.85 7.29
CA ILE B 165 15.68 -28.78 8.27
C ILE B 165 15.21 -29.25 9.64
N ARG B 166 14.09 -29.98 9.69
CA ARG B 166 13.58 -30.42 10.98
C ARG B 166 14.51 -31.45 11.63
N CYS B 167 15.25 -32.20 10.82
CA CYS B 167 16.20 -33.16 11.40
C CYS B 167 17.34 -32.47 12.12
N GLU B 168 17.55 -31.19 11.87
CA GLU B 168 18.49 -30.38 12.63
C GLU B 168 17.81 -29.65 13.78
N LYS B 169 16.60 -30.07 14.14
CA LYS B 169 15.84 -29.49 15.25
C LYS B 169 15.50 -28.02 15.02
N ILE B 170 15.27 -27.67 13.77
CA ILE B 170 14.81 -26.35 13.36
C ILE B 170 13.44 -26.52 12.72
N PHE B 171 12.46 -25.73 13.18
CA PHE B 171 11.07 -25.93 12.82
C PHE B 171 10.41 -24.70 12.24
N GLN B 172 11.18 -23.66 11.97
CA GLN B 172 10.68 -22.46 11.31
C GLN B 172 11.56 -22.17 10.10
N SER B 173 11.03 -21.38 9.17
CA SER B 173 11.79 -20.94 8.02
C SER B 173 11.26 -19.61 7.53
N ILE B 174 12.12 -18.85 6.89
CA ILE B 174 11.74 -17.61 6.23
C ILE B 174 11.99 -17.78 4.74
N TYR B 175 11.07 -17.28 3.94
CA TYR B 175 11.22 -17.35 2.49
C TYR B 175 10.44 -16.19 1.89
N THR B 176 10.84 -15.81 0.68
CA THR B 176 10.20 -14.74 -0.06
C THR B 176 9.82 -15.24 -1.44
N CYS B 177 8.84 -14.56 -2.03
N CYS B 177 8.82 -14.57 -2.02
CA CYS B 177 8.30 -14.93 -3.33
CA CYS B 177 8.35 -14.92 -3.34
C CYS B 177 7.73 -13.69 -3.98
C CYS B 177 7.73 -13.69 -3.98
N GLY B 178 7.88 -13.59 -5.29
CA GLY B 178 7.32 -12.48 -6.03
C GLY B 178 5.82 -12.55 -6.21
N LYS B 179 5.19 -13.61 -5.76
CA LYS B 179 3.76 -13.81 -5.89
C LYS B 179 3.13 -14.07 -4.53
N ASN B 180 1.81 -13.93 -4.48
CA ASN B 180 1.08 -14.24 -3.26
C ASN B 180 0.77 -15.73 -3.23
N ILE B 181 1.24 -16.41 -2.19
CA ILE B 181 0.98 -17.83 -2.01
C ILE B 181 -0.05 -17.98 -0.89
N THR B 182 0.42 -17.99 0.35
CA THR B 182 -0.44 -17.85 1.52
C THR B 182 -0.40 -16.37 1.95
N LYS B 183 -0.69 -16.10 3.21
CA LYS B 183 -0.71 -14.72 3.69
C LYS B 183 0.68 -14.27 4.11
N PRO B 184 1.28 -13.31 3.43
CA PRO B 184 2.60 -12.82 3.84
C PRO B 184 2.51 -11.92 5.06
N PHE B 185 3.61 -11.87 5.83
CA PHE B 185 3.61 -10.97 6.99
C PHE B 185 4.04 -9.56 6.59
N THR B 186 4.68 -9.39 5.45
CA THR B 186 4.88 -8.06 4.90
C THR B 186 5.12 -8.20 3.41
N ILE B 187 5.07 -7.07 2.72
CA ILE B 187 5.31 -6.98 1.29
C ILE B 187 6.36 -5.89 1.08
N GLY B 188 7.48 -6.24 0.47
CA GLY B 188 8.51 -5.29 0.10
C GLY B 188 8.31 -4.88 -1.34
N THR B 189 8.51 -3.59 -1.60
N THR B 189 8.52 -3.59 -1.61
CA THR B 189 8.41 -3.01 -2.91
CA THR B 189 8.44 -3.03 -2.94
C THR B 189 9.79 -2.64 -3.42
C THR B 189 9.83 -2.71 -3.45
N TYR B 190 10.09 -3.04 -4.66
N TYR B 190 10.10 -3.07 -4.71
CA TYR B 190 11.39 -2.74 -5.26
CA TYR B 190 11.38 -2.75 -5.32
C TYR B 190 11.39 -1.31 -5.82
C TYR B 190 11.38 -1.30 -5.81
N TRP B 191 12.48 -0.60 -5.58
CA TRP B 191 12.74 0.71 -6.10
C TRP B 191 14.10 0.69 -6.82
N HIS B 192 14.19 1.41 -7.94
CA HIS B 192 15.37 1.39 -8.80
C HIS B 192 16.01 2.78 -8.89
N ARG B 193 17.32 2.84 -8.75
CA ARG B 193 18.12 4.01 -9.03
C ARG B 193 18.95 3.74 -10.28
N ILE B 194 18.66 4.48 -11.33
CA ILE B 194 19.17 4.20 -12.68
C ILE B 194 20.52 4.86 -12.84
N ILE B 195 21.55 4.06 -13.18
CA ILE B 195 22.88 4.58 -13.36
C ILE B 195 23.17 4.77 -14.85
N ASN B 196 23.06 3.69 -15.63
CA ASN B 196 23.41 3.73 -17.07
C ASN B 196 22.10 3.80 -17.85
N VAL B 197 21.65 5.01 -18.12
CA VAL B 197 20.31 5.23 -18.65
C VAL B 197 20.17 4.65 -20.06
N LYS B 198 21.10 4.98 -20.95
CA LYS B 198 20.97 4.55 -22.34
C LYS B 198 21.00 3.02 -22.45
N LYS B 199 21.88 2.36 -21.69
CA LYS B 199 21.94 0.91 -21.76
C LYS B 199 20.64 0.28 -21.25
N LEU B 200 20.08 0.79 -20.16
CA LEU B 200 18.87 0.22 -19.61
C LEU B 200 17.63 0.57 -20.44
N LEU B 201 17.70 1.65 -21.23
CA LEU B 201 16.64 1.91 -22.19
C LEU B 201 16.69 0.89 -23.32
N GLU B 202 17.88 0.64 -23.88
CA GLU B 202 18.01 -0.33 -24.95
C GLU B 202 17.71 -1.74 -24.46
N ALA B 203 17.90 -2.00 -23.17
CA ALA B 203 17.59 -3.29 -22.59
C ALA B 203 16.10 -3.44 -22.29
N GLY B 204 15.33 -2.35 -22.35
CA GLY B 204 13.94 -2.38 -21.99
C GLY B 204 13.69 -2.38 -20.51
N PHE B 205 14.72 -2.13 -19.70
CA PHE B 205 14.54 -2.08 -18.25
C PHE B 205 13.80 -0.83 -17.81
N ILE B 206 14.01 0.29 -18.49
CA ILE B 206 13.27 1.51 -18.26
C ILE B 206 12.71 1.96 -19.61
N GLY B 207 11.66 2.79 -19.53
CA GLY B 207 11.10 3.41 -20.70
C GLY B 207 11.29 4.91 -20.59
N ILE B 208 11.18 5.61 -21.70
CA ILE B 208 11.22 7.08 -21.70
C ILE B 208 9.78 7.58 -21.66
N PRO B 209 9.43 8.47 -20.75
CA PRO B 209 8.07 8.98 -20.71
C PRO B 209 7.70 9.78 -21.95
N ARG B 210 6.39 9.85 -22.20
CA ARG B 210 5.88 10.87 -23.10
C ARG B 210 6.31 12.25 -22.58
N ASN B 211 6.53 13.16 -23.51
CA ASN B 211 6.78 14.55 -23.16
C ASN B 211 8.08 14.74 -22.39
N MET B 212 9.06 13.88 -22.63
CA MET B 212 10.38 14.03 -22.04
C MET B 212 11.42 13.72 -23.10
N THR B 213 12.39 14.61 -23.27
CA THR B 213 13.45 14.36 -24.23
C THR B 213 14.47 13.38 -23.65
N MET B 214 15.26 12.80 -24.52
CA MET B 214 16.32 11.89 -24.09
C MET B 214 17.29 12.58 -23.14
N SER B 215 17.70 13.82 -23.45
N SER B 215 17.70 13.82 -23.45
CA SER B 215 18.64 14.51 -22.57
CA SER B 215 18.64 14.51 -22.58
C SER B 215 18.03 14.76 -21.21
C SER B 215 18.02 14.76 -21.20
N SER B 216 16.72 15.05 -21.16
CA SER B 216 16.06 15.24 -19.86
C SER B 216 16.00 13.95 -19.06
N LEU B 217 15.78 12.82 -19.71
CA LEU B 217 15.80 11.56 -19.00
C LEU B 217 17.19 11.25 -18.43
N ILE B 218 18.23 11.54 -19.20
CA ILE B 218 19.59 11.31 -18.73
C ILE B 218 19.90 12.23 -17.56
N LYS B 219 19.50 13.50 -17.66
CA LYS B 219 19.74 14.43 -16.59
C LYS B 219 19.00 14.02 -15.32
N TYR B 220 17.75 13.57 -15.46
CA TYR B 220 16.95 13.19 -14.30
C TYR B 220 17.69 12.17 -13.44
N HIS B 221 18.31 11.18 -14.07
CA HIS B 221 18.92 10.07 -13.35
C HIS B 221 20.40 10.26 -13.08
N ARG B 222 20.98 11.40 -13.48
CA ARG B 222 22.39 11.65 -13.26
C ARG B 222 22.71 11.55 -11.78
N ILE B 223 23.90 11.05 -11.48
CA ILE B 223 24.40 10.96 -10.12
C ILE B 223 25.25 12.19 -9.86
N PRO B 224 24.90 13.02 -8.87
CA PRO B 224 25.78 14.14 -8.51
C PRO B 224 26.92 13.66 -7.62
N ALA B 225 28.14 13.80 -8.10
CA ALA B 225 29.34 13.59 -7.30
C ALA B 225 29.88 14.90 -6.72
N ASP B 226 29.08 15.97 -6.75
CA ASP B 226 29.52 17.25 -6.19
C ASP B 226 29.64 17.17 -4.67
N LYS B 227 28.65 16.57 -4.02
CA LYS B 227 28.63 16.44 -2.57
C LYS B 227 29.10 15.04 -2.19
N ARG B 228 30.30 14.96 -1.60
CA ARG B 228 30.87 13.71 -1.13
C ARG B 228 31.13 13.82 0.37
N ILE B 229 30.79 12.77 1.12
CA ILE B 229 31.18 12.65 2.51
C ILE B 229 32.44 11.80 2.58
N GLU B 230 33.32 12.12 3.51
CA GLU B 230 34.64 11.51 3.61
C GLU B 230 34.66 10.38 4.65
N GLY B 231 35.67 9.53 4.53
CA GLY B 231 35.97 8.56 5.55
C GLY B 231 35.58 7.12 5.24
N PHE B 232 34.87 6.86 4.15
CA PHE B 232 34.47 5.48 3.83
C PHE B 232 35.61 4.72 3.17
N ARG B 233 35.80 3.49 3.59
CA ARG B 233 36.83 2.61 3.03
C ARG B 233 36.23 1.21 2.97
N PRO B 234 36.77 0.34 2.10
CA PRO B 234 36.32 -1.05 2.12
C PRO B 234 36.58 -1.69 3.48
N SER B 235 35.63 -2.48 3.95
CA SER B 235 35.86 -3.24 5.17
C SER B 235 36.88 -4.35 4.92
N VAL B 236 37.51 -4.78 5.99
CA VAL B 236 38.49 -5.86 5.99
C VAL B 236 38.14 -6.83 7.11
N ASP B 237 38.69 -8.04 7.02
CA ASP B 237 38.35 -9.09 7.97
C ASP B 237 38.51 -8.65 9.42
N SER B 238 39.53 -7.84 9.69
CA SER B 238 39.79 -7.41 11.06
C SER B 238 38.80 -6.39 11.57
N ASP B 239 37.91 -5.88 10.70
CA ASP B 239 36.81 -5.02 11.14
C ASP B 239 35.66 -5.81 11.77
N ALA B 240 35.75 -7.15 11.79
CA ALA B 240 34.56 -7.96 12.06
C ALA B 240 34.00 -7.67 13.45
N GLU B 241 34.85 -7.63 14.47
CA GLU B 241 34.37 -7.36 15.81
C GLU B 241 33.65 -6.01 15.90
N GLN B 242 34.21 -4.97 15.29
N GLN B 242 34.21 -4.97 15.29
CA GLN B 242 33.59 -3.66 15.35
CA GLN B 242 33.58 -3.66 15.37
C GLN B 242 32.29 -3.61 14.56
C GLN B 242 32.30 -3.59 14.55
N ILE B 243 32.23 -4.33 13.44
CA ILE B 243 31.00 -4.33 12.65
C ILE B 243 29.91 -5.08 13.42
N CYS B 244 30.26 -6.22 14.02
CA CYS B 244 29.32 -6.94 14.89
C CYS B 244 28.68 -6.00 15.93
N LYS B 245 29.51 -5.19 16.60
CA LYS B 245 28.98 -4.25 17.58
C LYS B 245 28.15 -3.15 16.93
N LEU B 246 28.52 -2.72 15.73
CA LEU B 246 27.70 -1.76 14.98
C LEU B 246 26.28 -2.28 14.79
N PHE B 247 26.15 -3.53 14.38
CA PHE B 247 24.81 -4.10 14.16
C PHE B 247 24.06 -4.30 15.47
N GLU B 248 24.74 -4.79 16.51
CA GLU B 248 24.10 -4.91 17.82
C GLU B 248 23.48 -3.58 18.25
N ASN B 249 24.26 -2.52 18.24
N ASN B 249 24.26 -2.51 18.22
CA ASN B 249 23.75 -1.20 18.62
CA ASN B 249 23.76 -1.20 18.62
C ASN B 249 22.60 -0.77 17.73
C ASN B 249 22.60 -0.76 17.72
N TYR B 250 22.69 -1.02 16.42
CA TYR B 250 21.63 -0.64 15.51
C TYR B 250 20.32 -1.35 15.85
N PHE B 251 20.39 -2.67 16.02
CA PHE B 251 19.20 -3.43 16.39
C PHE B 251 18.69 -3.08 17.78
N MET B 252 19.60 -2.74 18.69
CA MET B 252 19.15 -2.25 20.01
C MET B 252 18.39 -0.94 19.88
N LYS B 253 18.82 -0.06 18.98
CA LYS B 253 18.20 1.24 18.83
C LYS B 253 16.79 1.14 18.25
N TYR B 254 16.56 0.25 17.29
CA TYR B 254 15.29 0.15 16.61
C TYR B 254 14.40 -0.98 17.11
N LYS B 255 14.72 -1.57 18.26
CA LYS B 255 13.97 -2.71 18.76
C LYS B 255 12.50 -2.35 19.02
N ASP B 256 11.64 -3.35 18.84
CA ASP B 256 10.21 -3.15 19.04
C ASP B 256 9.73 -3.65 20.39
N VAL B 257 10.63 -4.01 21.28
CA VAL B 257 10.29 -4.46 22.62
C VAL B 257 10.99 -3.55 23.62
N SER B 258 10.61 -3.69 24.89
CA SER B 258 11.19 -2.87 25.94
C SER B 258 12.63 -3.30 26.25
N ASN B 259 13.35 -2.42 26.94
CA ASN B 259 14.69 -2.77 27.39
C ASN B 259 14.67 -4.04 28.23
N GLU B 260 13.68 -4.18 29.12
CA GLU B 260 13.60 -5.35 29.97
C GLU B 260 13.41 -6.61 29.14
N THR B 261 12.56 -6.55 28.11
CA THR B 261 12.33 -7.72 27.28
C THR B 261 13.56 -8.06 26.45
N MET B 262 14.23 -7.02 25.90
CA MET B 262 15.41 -7.26 25.08
C MET B 262 16.50 -7.97 25.87
N ASN B 263 16.58 -7.74 27.17
CA ASN B 263 17.54 -8.38 28.03
C ASN B 263 17.05 -9.71 28.59
N ASN B 264 15.85 -10.13 28.18
CA ASN B 264 15.28 -11.42 28.60
C ASN B 264 14.53 -12.06 27.43
N LEU B 265 15.15 -12.06 26.25
CA LEU B 265 14.51 -12.62 25.08
C LEU B 265 14.31 -14.12 25.26
N ILE B 266 13.17 -14.61 24.82
CA ILE B 266 12.85 -16.04 24.89
C ILE B 266 13.67 -16.76 23.82
N ASN B 267 14.51 -17.69 24.24
CA ASN B 267 15.32 -18.48 23.33
C ASN B 267 14.52 -19.71 22.91
N TYR B 268 13.97 -19.71 21.70
CA TYR B 268 13.11 -20.79 21.28
C TYR B 268 13.88 -22.10 21.13
N ASP B 269 15.18 -22.02 20.84
CA ASP B 269 15.97 -23.23 20.68
C ASP B 269 15.94 -24.09 21.93
N GLU B 270 15.80 -23.47 23.11
CA GLU B 270 15.82 -24.21 24.37
C GLU B 270 14.48 -24.83 24.75
N ILE B 271 13.38 -24.40 24.13
CA ILE B 271 12.06 -24.82 24.57
C ILE B 271 11.24 -25.49 23.46
N ASN B 272 11.78 -25.58 22.25
CA ASN B 272 11.00 -26.09 21.13
C ASN B 272 10.88 -27.61 21.15
N HIS B 273 11.48 -28.27 22.13
CA HIS B 273 11.41 -29.70 22.27
C HIS B 273 10.21 -30.15 23.07
N SER B 274 9.40 -29.22 23.57
CA SER B 274 8.29 -29.55 24.44
C SER B 274 7.07 -28.69 24.11
N LYS B 275 5.93 -29.33 23.95
CA LYS B 275 4.68 -28.58 23.75
C LYS B 275 4.40 -27.67 24.94
N GLU B 276 4.64 -28.17 26.15
CA GLU B 276 4.45 -27.37 27.36
C GLU B 276 5.37 -26.15 27.38
N LEU B 277 6.67 -26.38 27.28
CA LEU B 277 7.63 -25.27 27.38
C LEU B 277 7.56 -24.35 26.17
N GLY B 278 7.36 -24.89 24.98
CA GLY B 278 7.28 -24.10 23.78
C GLY B 278 6.19 -23.04 23.84
N LYS B 279 5.20 -23.23 24.69
CA LYS B 279 4.10 -22.27 24.78
C LYS B 279 4.56 -20.93 25.32
N GLN B 280 5.69 -20.90 26.02
CA GLN B 280 6.20 -19.63 26.54
C GLN B 280 6.50 -18.63 25.44
N ALA B 281 6.54 -19.06 24.19
CA ALA B 281 6.85 -18.18 23.07
C ALA B 281 5.65 -17.43 22.54
N TYR B 282 4.44 -17.76 22.96
CA TYR B 282 3.26 -17.03 22.52
C TYR B 282 3.22 -15.66 23.18
N MET B 283 2.83 -14.64 22.41
CA MET B 283 2.83 -13.28 22.91
C MET B 283 1.72 -12.50 22.21
N LYS B 284 0.90 -11.83 22.99
CA LYS B 284 -0.15 -10.97 22.45
C LYS B 284 0.42 -9.58 22.19
N LEU B 285 -0.25 -8.87 21.30
CA LEU B 285 0.08 -7.48 20.99
C LEU B 285 -1.14 -6.63 21.31
N ASP B 286 -0.93 -5.54 22.05
CA ASP B 286 -2.04 -4.67 22.41
C ASP B 286 -2.56 -3.92 21.17
N LYS B 287 -1.69 -3.15 20.53
CA LYS B 287 -2.05 -2.41 19.34
C LYS B 287 -0.90 -2.46 18.34
N ILE B 288 -1.25 -2.40 17.06
CA ILE B 288 -0.24 -2.58 16.03
C ILE B 288 0.69 -1.38 15.93
N GLU B 289 0.20 -0.17 16.23
N GLU B 289 0.20 -0.17 16.23
CA GLU B 289 1.05 1.00 16.12
CA GLU B 289 1.08 1.00 16.10
C GLU B 289 2.14 1.06 17.19
C GLU B 289 2.14 1.06 17.20
N ASP B 290 2.10 0.15 18.18
CA ASP B 290 3.22 0.02 19.10
C ASP B 290 4.51 -0.34 18.35
N LEU B 291 4.39 -1.01 17.21
CA LEU B 291 5.52 -1.40 16.40
C LEU B 291 5.92 -0.35 15.37
N GLN B 292 5.24 0.78 15.35
CA GLN B 292 5.51 1.79 14.33
C GLN B 292 6.95 2.28 14.40
N ASP B 293 7.63 2.27 13.25
CA ASP B 293 8.99 2.77 13.07
C ASP B 293 10.06 1.94 13.77
N LYS B 294 9.70 0.78 14.31
N LYS B 294 9.68 0.79 14.34
CA LYS B 294 10.66 -0.10 14.96
CA LYS B 294 10.61 -0.12 14.98
C LYS B 294 10.79 -1.39 14.16
C LYS B 294 10.85 -1.33 14.08
N ILE B 295 11.87 -2.08 14.40
CA ILE B 295 12.17 -3.35 13.72
C ILE B 295 11.65 -4.50 14.56
N THR B 296 10.90 -5.38 13.94
CA THR B 296 10.23 -6.48 14.64
C THR B 296 10.91 -7.80 14.40
N ILE B 297 11.37 -8.05 13.18
CA ILE B 297 12.08 -9.27 12.84
C ILE B 297 13.34 -8.89 12.07
N HIS B 298 14.46 -9.49 12.44
CA HIS B 298 15.71 -9.20 11.76
C HIS B 298 16.68 -10.35 12.00
N GLN B 299 17.64 -10.45 11.08
CA GLN B 299 18.77 -11.34 11.25
C GLN B 299 19.70 -10.81 12.34
N CYS B 300 20.32 -11.74 13.05
CA CYS B 300 21.34 -11.42 14.05
C CYS B 300 22.66 -12.01 13.60
N PHE B 301 23.72 -11.23 13.67
CA PHE B 301 25.03 -11.64 13.19
C PHE B 301 26.00 -11.76 14.35
N ASN B 302 26.64 -12.90 14.49
CA ASN B 302 27.83 -13.01 15.32
C ASN B 302 29.05 -12.60 14.49
N VAL B 303 30.23 -12.63 15.13
N VAL B 303 30.24 -12.63 15.13
CA VAL B 303 31.43 -12.16 14.45
CA VAL B 303 31.41 -12.13 14.43
C VAL B 303 31.74 -13.03 13.24
C VAL B 303 31.76 -13.03 13.25
N GLU B 304 31.52 -14.33 13.36
CA GLU B 304 31.78 -15.23 12.24
C GLU B 304 30.85 -14.92 11.05
N ASP B 305 29.58 -14.63 11.33
CA ASP B 305 28.67 -14.24 10.27
C ASP B 305 29.10 -12.92 9.65
N VAL B 306 29.52 -11.95 10.48
CA VAL B 306 29.95 -10.66 9.96
C VAL B 306 31.12 -10.84 9.00
N LYS B 307 32.09 -11.65 9.40
N LYS B 307 32.08 -11.68 9.38
CA LYS B 307 33.24 -11.91 8.53
CA LYS B 307 33.25 -11.91 8.53
C LYS B 307 32.78 -12.42 7.16
C LYS B 307 32.83 -12.48 7.17
N HIS B 308 31.81 -13.34 7.15
CA HIS B 308 31.39 -13.96 5.89
C HIS B 308 30.55 -13.01 5.05
N TYR B 309 29.59 -12.32 5.66
CA TYR B 309 28.62 -11.57 4.91
C TYR B 309 29.10 -10.18 4.53
N PHE B 310 29.75 -9.48 5.45
CA PHE B 310 30.06 -8.06 5.24
C PHE B 310 31.51 -7.87 4.86
N THR B 311 31.81 -8.44 3.69
CA THR B 311 33.13 -8.51 3.13
C THR B 311 33.09 -7.84 1.75
N ASN B 312 34.16 -8.05 0.99
CA ASN B 312 34.28 -7.52 -0.36
C ASN B 312 34.78 -8.64 -1.27
N ILE B 313 33.93 -9.06 -2.20
CA ILE B 313 34.23 -10.04 -3.22
C ILE B 313 33.85 -9.44 -4.56
N ASP B 314 34.79 -9.43 -5.49
CA ASP B 314 34.58 -8.83 -6.79
C ASP B 314 33.32 -9.36 -7.45
N LYS B 315 32.45 -8.43 -7.86
CA LYS B 315 31.22 -8.72 -8.60
C LYS B 315 30.24 -9.54 -7.79
N VAL B 316 30.34 -9.50 -6.46
CA VAL B 316 29.43 -10.25 -5.62
C VAL B 316 28.90 -9.40 -4.47
N ILE B 317 29.81 -8.90 -3.62
CA ILE B 317 29.42 -8.17 -2.41
C ILE B 317 30.42 -7.03 -2.20
N VAL B 318 29.89 -5.87 -1.85
CA VAL B 318 30.68 -4.69 -1.51
C VAL B 318 30.24 -4.18 -0.12
N THR B 319 31.21 -3.94 0.75
CA THR B 319 30.97 -3.43 2.09
C THR B 319 31.98 -2.32 2.37
N TYR B 320 31.50 -1.11 2.64
CA TYR B 320 32.33 -0.02 3.09
C TYR B 320 31.92 0.41 4.50
N VAL B 321 32.90 0.88 5.24
CA VAL B 321 32.73 1.33 6.61
C VAL B 321 33.35 2.71 6.76
N ARG B 322 32.81 3.49 7.69
CA ARG B 322 33.34 4.81 8.01
C ARG B 322 33.92 4.75 9.43
N GLU B 323 35.08 5.34 9.60
CA GLU B 323 35.76 5.39 10.88
C GLU B 323 35.81 6.84 11.39
N ASN B 324 35.69 7.00 12.69
CA ASN B 324 35.88 8.31 13.30
C ASN B 324 37.38 8.59 13.42
N LYS B 325 37.75 9.68 14.10
CA LYS B 325 39.17 9.99 14.28
C LYS B 325 39.85 8.92 15.12
N ASN B 326 39.14 8.36 16.10
CA ASN B 326 39.66 7.29 16.94
C ASN B 326 39.61 5.93 16.26
N LYS B 327 39.56 5.90 14.93
CA LYS B 327 39.64 4.67 14.14
C LYS B 327 38.56 3.64 14.54
N GLU B 328 37.46 4.10 15.12
CA GLU B 328 36.33 3.25 15.45
C GLU B 328 35.28 3.38 14.35
N ILE B 329 34.62 2.27 14.03
CA ILE B 329 33.67 2.21 12.92
C ILE B 329 32.33 2.75 13.38
N THR B 330 31.76 3.66 12.60
CA THR B 330 30.53 4.34 12.96
C THR B 330 29.43 4.21 11.93
N ASP B 331 29.76 3.82 10.71
CA ASP B 331 28.78 3.73 9.63
C ASP B 331 29.19 2.57 8.73
N LEU B 332 28.21 2.00 8.04
CA LEU B 332 28.45 0.90 7.11
C LEU B 332 27.41 0.95 6.00
N PHE B 333 27.86 0.79 4.75
CA PHE B 333 26.95 0.47 3.67
C PHE B 333 27.42 -0.81 2.97
N SER B 334 26.46 -1.53 2.40
CA SER B 334 26.77 -2.78 1.72
C SER B 334 25.72 -3.05 0.65
N PHE B 335 26.16 -3.67 -0.43
CA PHE B 335 25.26 -4.09 -1.50
C PHE B 335 25.88 -5.30 -2.21
N PHE B 336 25.02 -6.19 -2.68
CA PHE B 336 25.49 -7.30 -3.46
C PHE B 336 25.13 -7.02 -4.92
N ILE B 337 25.70 -7.81 -5.80
CA ILE B 337 25.69 -7.56 -7.26
C ILE B 337 25.25 -8.84 -7.94
N ILE B 338 24.25 -8.73 -8.81
CA ILE B 338 23.77 -9.89 -9.56
C ILE B 338 23.61 -9.50 -11.02
N GLU B 339 24.21 -10.30 -11.90
N GLU B 339 24.22 -10.28 -11.91
CA GLU B 339 24.02 -10.13 -13.34
CA GLU B 339 24.01 -10.10 -13.34
C GLU B 339 22.67 -10.72 -13.74
C GLU B 339 22.66 -10.70 -13.72
N SER B 340 22.01 -10.08 -14.68
CA SER B 340 20.77 -10.59 -15.23
C SER B 340 20.90 -10.69 -16.75
N THR B 341 20.39 -11.78 -17.29
CA THR B 341 20.32 -11.99 -18.71
C THR B 341 19.18 -11.13 -19.28
N VAL B 342 19.47 -10.43 -20.37
CA VAL B 342 18.45 -9.72 -21.14
C VAL B 342 18.01 -10.69 -22.22
N ILE B 343 16.85 -11.33 -22.00
CA ILE B 343 16.49 -12.47 -22.81
C ILE B 343 16.36 -12.06 -24.26
N ASN B 344 17.03 -12.80 -25.14
CA ASN B 344 16.96 -12.61 -26.60
C ASN B 344 17.27 -11.18 -27.02
N ASN B 345 18.23 -10.55 -26.34
CA ASN B 345 18.74 -9.24 -26.74
C ASN B 345 20.17 -9.41 -27.22
N GLU B 346 20.39 -9.30 -28.53
CA GLU B 346 21.72 -9.50 -29.09
C GLU B 346 22.69 -8.38 -28.70
N ARG B 347 22.23 -7.13 -28.71
CA ARG B 347 23.15 -6.00 -28.50
C ARG B 347 23.61 -5.89 -27.05
N PHE B 348 22.67 -5.99 -26.10
CA PHE B 348 22.98 -5.92 -24.68
C PHE B 348 22.49 -7.21 -24.03
N PRO B 349 23.34 -8.23 -23.95
CA PRO B 349 22.85 -9.54 -23.48
C PRO B 349 22.73 -9.62 -21.97
N THR B 350 23.37 -8.74 -21.21
N THR B 350 23.34 -8.71 -21.22
CA THR B 350 23.31 -8.80 -19.76
CA THR B 350 23.32 -8.79 -19.76
C THR B 350 23.31 -7.39 -19.17
C THR B 350 23.31 -7.38 -19.18
N ILE B 351 22.89 -7.29 -17.92
CA ILE B 351 22.95 -6.04 -17.17
C ILE B 351 23.39 -6.42 -15.75
N ASN B 352 24.10 -5.51 -15.11
CA ASN B 352 24.65 -5.72 -13.78
C ASN B 352 23.88 -4.85 -12.82
N ILE B 353 23.27 -5.45 -11.80
CA ILE B 353 22.42 -4.74 -10.86
C ILE B 353 23.02 -4.88 -9.46
N ALA B 354 23.14 -3.77 -8.77
CA ALA B 354 23.48 -3.76 -7.35
C ALA B 354 22.19 -3.77 -6.55
N TYR B 355 22.22 -4.45 -5.41
CA TYR B 355 21.08 -4.64 -4.52
C TYR B 355 21.50 -4.22 -3.13
N SER B 356 20.80 -3.25 -2.55
N SER B 356 20.80 -3.25 -2.56
CA SER B 356 21.07 -2.81 -1.20
CA SER B 356 21.07 -2.81 -1.20
C SER B 356 20.95 -3.97 -0.22
C SER B 356 20.97 -3.99 -0.24
N TYR B 357 21.92 -4.07 0.69
CA TYR B 357 21.97 -5.18 1.64
C TYR B 357 21.63 -4.62 3.01
N PHE B 358 22.61 -4.38 3.88
CA PHE B 358 22.37 -3.75 5.19
C PHE B 358 23.16 -2.44 5.25
N ASN B 359 22.56 -1.42 5.85
CA ASN B 359 23.12 -0.08 5.84
C ASN B 359 22.85 0.59 7.17
N ILE B 360 23.89 1.12 7.80
CA ILE B 360 23.78 1.75 9.10
C ILE B 360 24.42 3.12 9.00
N ALA B 361 23.64 4.18 9.22
CA ALA B 361 24.12 5.55 9.20
C ALA B 361 23.91 6.14 10.60
N ASN B 362 25.02 6.40 11.31
CA ASN B 362 25.01 7.07 12.60
C ASN B 362 25.55 8.49 12.54
N THR B 363 26.55 8.75 11.69
CA THR B 363 27.20 10.05 11.64
C THR B 363 26.90 10.80 10.35
N CYS B 364 25.99 10.29 9.55
CA CYS B 364 25.52 10.98 8.35
C CYS B 364 24.06 10.58 8.14
N SER B 365 23.38 11.33 7.28
CA SER B 365 22.02 10.95 6.94
C SER B 365 22.05 9.68 6.09
N LEU B 366 20.94 8.94 6.12
CA LEU B 366 20.85 7.78 5.26
C LEU B 366 20.93 8.20 3.80
N LYS B 367 20.39 9.38 3.46
N LYS B 367 20.40 9.38 3.47
CA LYS B 367 20.50 9.87 2.09
CA LYS B 367 20.49 9.89 2.10
C LYS B 367 21.95 10.05 1.68
C LYS B 367 21.95 10.06 1.68
N GLU B 368 22.77 10.61 2.57
CA GLU B 368 24.19 10.79 2.28
C GLU B 368 24.90 9.45 2.14
N LEU B 369 24.59 8.50 3.02
CA LEU B 369 25.18 7.17 2.95
C LEU B 369 24.84 6.50 1.63
N PHE B 370 23.58 6.57 1.22
CA PHE B 370 23.19 5.94 -0.02
C PHE B 370 23.82 6.62 -1.22
N ASN B 371 24.11 7.91 -1.11
CA ASN B 371 24.78 8.60 -2.21
C ASN B 371 26.20 8.08 -2.40
N GLU B 372 26.96 7.92 -1.30
CA GLU B 372 28.28 7.31 -1.42
C GLU B 372 28.20 5.88 -1.95
N MET B 373 27.21 5.11 -1.47
CA MET B 373 27.06 3.75 -1.96
C MET B 373 26.75 3.73 -3.44
N LEU B 374 25.92 4.67 -3.91
CA LEU B 374 25.55 4.72 -5.32
C LEU B 374 26.77 4.98 -6.19
N ILE B 375 27.58 5.95 -5.81
CA ILE B 375 28.80 6.22 -6.54
C ILE B 375 29.70 4.98 -6.54
N THR B 376 29.73 4.27 -5.41
CA THR B 376 30.54 3.06 -5.33
C THR B 376 29.99 1.98 -6.24
N ALA B 377 28.67 1.87 -6.35
CA ALA B 377 28.10 0.88 -7.26
C ALA B 377 28.36 1.26 -8.72
N LYS B 378 28.26 2.55 -9.05
CA LYS B 378 28.66 3.01 -10.38
C LYS B 378 30.10 2.62 -10.68
N ASN B 379 31.00 2.82 -9.71
CA ASN B 379 32.40 2.47 -9.93
C ASN B 379 32.63 0.97 -9.98
N ASN B 380 31.68 0.17 -9.49
CA ASN B 380 31.73 -1.28 -9.64
C ASN B 380 30.99 -1.75 -10.89
N ASN B 381 30.81 -0.86 -11.86
CA ASN B 381 30.23 -1.19 -13.15
C ASN B 381 28.80 -1.70 -13.05
N CYS B 382 28.03 -1.20 -12.09
CA CYS B 382 26.62 -1.54 -12.00
C CYS B 382 25.80 -0.57 -12.83
N ASP B 383 24.76 -1.11 -13.48
CA ASP B 383 23.90 -0.32 -14.36
C ASP B 383 22.74 0.30 -13.60
N ALA B 384 22.32 -0.33 -12.51
CA ALA B 384 21.26 0.19 -11.67
C ALA B 384 21.50 -0.28 -10.24
N PHE B 385 20.87 0.42 -9.32
CA PHE B 385 20.92 0.13 -7.89
C PHE B 385 19.49 -0.11 -7.43
N ASN B 386 19.20 -1.32 -6.96
N ASN B 386 19.22 -1.32 -6.96
CA ASN B 386 17.87 -1.70 -6.50
CA ASN B 386 17.89 -1.74 -6.51
C ASN B 386 17.83 -1.75 -4.98
C ASN B 386 17.87 -1.80 -4.99
N THR B 387 16.74 -1.23 -4.41
N THR B 387 16.78 -1.29 -4.40
CA THR B 387 16.55 -1.25 -2.97
CA THR B 387 16.59 -1.36 -2.96
C THR B 387 15.10 -1.64 -2.68
C THR B 387 15.13 -1.62 -2.66
N LEU B 388 14.89 -2.36 -1.58
CA LEU B 388 13.55 -2.58 -1.04
C LEU B 388 13.24 -1.46 -0.05
N ASP B 389 11.96 -1.28 0.23
CA ASP B 389 11.51 -0.34 1.26
C ASP B 389 11.53 -0.97 2.67
N LEU B 390 12.54 -1.77 2.95
CA LEU B 390 12.73 -2.38 4.26
C LEU B 390 13.48 -1.43 5.18
N MET B 391 13.40 -1.71 6.48
CA MET B 391 14.13 -0.96 7.51
C MET B 391 13.81 0.53 7.33
N GLN B 392 14.81 1.41 7.29
CA GLN B 392 14.57 2.84 7.14
C GLN B 392 14.77 3.32 5.70
N ASN B 393 14.78 2.42 4.73
CA ASN B 393 15.11 2.80 3.36
C ASN B 393 14.11 3.78 2.75
N LEU B 394 12.86 3.80 3.22
CA LEU B 394 11.91 4.78 2.69
C LEU B 394 12.42 6.21 2.87
N GLN B 395 13.25 6.45 3.87
CA GLN B 395 13.83 7.77 4.07
C GLN B 395 14.74 8.16 2.93
N VAL B 396 15.30 7.20 2.21
CA VAL B 396 16.11 7.51 1.04
C VAL B 396 15.26 7.55 -0.23
N ILE B 397 14.21 6.75 -0.30
CA ILE B 397 13.40 6.70 -1.52
C ILE B 397 12.59 7.97 -1.68
N GLN B 398 12.05 8.50 -0.58
CA GLN B 398 11.18 9.65 -0.66
C GLN B 398 11.91 10.86 -1.19
N ASP B 399 11.23 11.66 -2.02
CA ASP B 399 11.79 12.85 -2.63
C ASP B 399 13.19 12.59 -3.21
N SER B 400 13.31 11.52 -3.99
CA SER B 400 14.57 11.16 -4.60
C SER B 400 14.42 10.87 -6.09
N LYS B 401 15.48 10.41 -6.69
CA LYS B 401 15.47 10.00 -8.09
C LYS B 401 15.19 8.53 -8.26
N PHE B 402 14.98 7.80 -7.17
CA PHE B 402 14.51 6.43 -7.27
C PHE B 402 13.18 6.37 -8.00
N ILE B 403 12.99 5.35 -8.82
CA ILE B 403 11.73 5.14 -9.51
C ILE B 403 11.21 3.74 -9.17
N ILE B 404 9.89 3.61 -9.14
N ILE B 404 9.88 3.61 -9.16
CA ILE B 404 9.31 2.36 -8.67
CA ILE B 404 9.28 2.37 -8.69
C ILE B 404 9.70 1.23 -9.62
C ILE B 404 9.61 1.24 -9.65
N GLY B 405 10.00 0.07 -9.03
N GLY B 405 9.89 0.07 -9.09
CA GLY B 405 10.25 -1.12 -9.80
CA GLY B 405 10.06 -1.14 -9.87
C GLY B 405 8.95 -1.78 -10.23
C GLY B 405 8.75 -1.68 -10.40
N THR B 406 9.08 -2.98 -10.78
N THR B 406 8.75 -2.94 -10.85
CA THR B 406 7.95 -3.78 -11.17
CA THR B 406 7.57 -3.54 -11.46
C THR B 406 7.92 -5.02 -10.29
C THR B 406 7.13 -4.81 -10.73
N GLY B 407 6.79 -5.25 -9.65
N GLY B 407 7.51 -4.95 -9.45
CA GLY B 407 6.64 -6.40 -8.78
CA GLY B 407 7.17 -6.15 -8.72
C GLY B 407 7.04 -6.10 -7.34
C GLY B 407 7.05 -5.90 -7.22
N ARG B 408 6.71 -7.06 -6.48
N ARG B 408 6.46 -6.89 -6.55
CA ARG B 408 6.89 -6.90 -5.04
CA ARG B 408 6.33 -6.91 -5.10
C ARG B 408 7.32 -8.23 -4.46
C ARG B 408 6.96 -8.18 -4.56
N LEU B 409 7.92 -8.16 -3.28
N LEU B 409 7.56 -8.09 -3.38
CA LEU B 409 8.46 -9.33 -2.60
CA LEU B 409 8.24 -9.21 -2.73
C LEU B 409 7.57 -9.62 -1.41
C LEU B 409 7.49 -9.58 -1.47
N ARG B 410 6.86 -10.75 -1.46
CA ARG B 410 6.12 -11.23 -0.31
C ARG B 410 7.03 -11.97 0.64
N TYR B 411 6.97 -11.61 1.91
CA TYR B 411 7.72 -12.26 2.98
C TYR B 411 6.84 -13.24 3.75
N TYR B 412 7.32 -14.44 3.93
CA TYR B 412 6.63 -15.50 4.65
C TYR B 412 7.51 -16.07 5.74
N VAL B 413 6.90 -16.50 6.82
CA VAL B 413 7.55 -17.28 7.83
C VAL B 413 6.80 -18.60 7.95
N PHE B 414 7.53 -19.71 7.83
CA PHE B 414 6.95 -21.03 8.03
C PHE B 414 6.88 -21.32 9.53
N ASN B 415 5.69 -21.71 10.00
CA ASN B 415 5.47 -22.20 11.36
C ASN B 415 5.71 -21.12 12.41
N TRP B 416 5.33 -19.89 12.10
CA TRP B 416 5.37 -18.84 13.10
C TRP B 416 4.30 -17.82 12.75
N LYS B 417 3.74 -17.21 13.78
CA LYS B 417 2.73 -16.17 13.62
C LYS B 417 3.40 -14.80 13.73
N ILE B 418 3.18 -13.96 12.72
CA ILE B 418 3.64 -12.58 12.72
C ILE B 418 2.46 -11.76 12.22
N PRO B 419 2.01 -10.73 12.94
CA PRO B 419 0.98 -9.85 12.38
C PRO B 419 1.46 -9.24 11.08
N GLN B 420 0.52 -8.86 10.22
CA GLN B 420 0.88 -8.12 9.03
C GLN B 420 1.50 -6.80 9.47
N ILE B 421 2.74 -6.58 9.06
CA ILE B 421 3.53 -5.43 9.50
C ILE B 421 4.09 -4.71 8.28
N SER B 422 4.56 -3.50 8.52
CA SER B 422 5.16 -2.69 7.47
C SER B 422 6.53 -3.23 7.12
N PRO B 423 6.94 -3.11 5.84
CA PRO B 423 8.30 -3.55 5.48
C PRO B 423 9.37 -2.82 6.27
N SER B 424 9.09 -1.60 6.76
CA SER B 424 10.06 -0.91 7.57
C SER B 424 10.33 -1.65 8.88
N ASN B 425 9.44 -2.54 9.30
N ASN B 425 9.43 -2.55 9.29
CA ASN B 425 9.66 -3.30 10.52
CA ASN B 425 9.60 -3.32 10.50
C ASN B 425 10.49 -4.56 10.32
C ASN B 425 10.40 -4.61 10.29
N VAL B 426 11.00 -4.78 9.12
CA VAL B 426 11.64 -6.04 8.74
C VAL B 426 13.08 -5.81 8.35
N GLY B 427 13.98 -6.58 8.97
CA GLY B 427 15.40 -6.52 8.71
C GLY B 427 15.95 -7.84 8.26
N ILE B 428 15.37 -8.36 7.18
CA ILE B 428 15.78 -9.62 6.57
C ILE B 428 15.93 -9.37 5.08
N ILE B 429 17.13 -9.62 4.55
CA ILE B 429 17.39 -9.54 3.13
C ILE B 429 17.78 -10.94 2.67
N LEU B 430 17.12 -11.43 1.64
CA LEU B 430 17.46 -12.71 1.03
C LEU B 430 18.11 -12.46 -0.33
N PHE B 431 18.99 -13.38 -0.71
CA PHE B 431 19.83 -13.19 -1.90
C PHE B 431 19.12 -13.63 -3.19
#